data_7WVY
#
_entry.id   7WVY
#
_cell.length_a   1.00
_cell.length_b   1.00
_cell.length_c   1.00
_cell.angle_alpha   90.00
_cell.angle_beta   90.00
_cell.angle_gamma   90.00
#
_symmetry.space_group_name_H-M   'P 1'
#
loop_
_entity.id
_entity.type
_entity.pdbx_description
1 polymer 'Amyloid-beta A4 protein'
2 polymer 'Soluble cytochrome b562,N-formyl peptide receptor 2'
3 polymer 'Guanine nucleotide-binding protein G(i) subunit alpha-2'
4 polymer 'Guanine nucleotide-binding protein G(I)/G(S)/G(T) subunit beta-1'
5 polymer 'Guanine nucleotide-binding protein G(I)/G(S)/G(O) subunit gamma-2'
#
loop_
_entity_poly.entity_id
_entity_poly.type
_entity_poly.pdbx_seq_one_letter_code
_entity_poly.pdbx_strand_id
1 'polypeptide(L)' DAEFRHDSGYEVHHQKLVFFAEDVGSNKGAIIGLMVGGVVIA L
2 'polypeptide(L)'
;GAPADLEDNWETLNDNLKVIEKADNAAQVKDALTKMRAAALDAQKATPPKLEDKSPDSPEMKDFRHGFDILVGQIDDALK
LANEGKVKEAQAAAEQLKTTRNAYIQKYLGSGSENLYFQSETNFSTPLNEYEEVSYESAGYTVLRILPLVVLGVTFVLGV
LGNGLVIWVAGFRMTRTVTTICYLNLALADFSFTATLPFLIVSMAMGEKWPFGWFLCKLIHIVVDINLFGSVFLIGFIAL
DRCICVLHPVWAQNHRTVSLAMKVIVGPWILALVLTLPVFLFLTTVTIPNGDTYCTFNFASWGGTPEERLKVAITMLTAR
GIIRFVIGFLLPMSIVAICYGLIAAKIHKKGMIKSSRPLRVLTAVVASFFICWFPFQLVALLGTVWLKEMLFYGKYKIID
ILVNPTSSLAFFNSCLNPMLYVFVGQDFRERLIHSLPTSLERALSEDSAPTNDTAANSASPPAETEFLEVLFQGPGSWSH
PQFEKGSGAGASAGSWSHPQFEKGSDYKDDDDK
;
R
3 'polypeptide(L)'
;MGCTVSAEDKAAAERSKMIDKNLREDGEKAAREVKLLLLGAGESGKNTIVKQMKIIHEDGYSEEECRQYRAVVYSNTIQS
IMAIVKAMGNLQIDFADPSRADDARQLFALSCTAEEQGVLPDDLSGVIRRLWADHGVQACFGRSREYQLNDSAAYYLNDL
ERIAQSDYIPTQQDVLRTRVKTTGIVETHFTFKDLHFKMFDVGAQRSERKKWIHCFEGVTAIIFCVALSAYDLVLAEDEE
MNRMHASMKLFDSICNNKWFTDTSIILFLNKKDLFEEKITHSPLTICFPEYTGANKYDEAASYIQSKFEDLNKRKDTKEI
YTHFTCSTDTKNVQFVFDAVTDVIIKNNLKDCGLF
;
A
4 'polypeptide(L)'
;MHHHHHHGSLLQSELDQLRQEAEQLKNQIRDARKACADATLSQITNNIDPVGRIQMRTRRTLRGHLAKIYAMHWGTDSRL
LVSASQDGKLIIWDSYTTNKVHAIPLRSSWVMTCAYAPSGNYVACGGLDNICSIYNLKTREGNVRVSRELAGHTGYLSCC
RFLDDNQIVTSSGDTTCALWDIETGQQTTTFTGHTGDVMSLSLAPDTRLFVSGACDASAKLWDVREGMCRQTFTGHESDI
NAICFFPNGNAFATGSDDATCRLFDLRADQELMTYSHDNIICGITSVSFSKSGRLLLAGYDDFNCNVWDALKADRAGVLA
GHDNRVSCLGVTDDGMAVATGSWDSFLKIWN
;
B
5 'polypeptide(L)' MASNNTASIAQARKLVEQLKMEANIDRIKVSKAAADLMAYCEAHAKEDPLLTPVPASENPFREKKFFCAIL C
#
# COMPACT_ATOMS: atom_id res chain seq x y z
N ASP A 1 29.24 11.10 -17.29
CA ASP A 1 29.49 12.44 -16.80
C ASP A 1 29.44 13.45 -17.93
N ALA A 2 30.55 13.61 -18.65
CA ALA A 2 30.62 14.54 -19.76
C ALA A 2 31.17 13.83 -20.98
N GLU A 3 30.52 14.02 -22.12
CA GLU A 3 31.03 13.44 -23.36
C GLU A 3 32.35 14.09 -23.73
N PHE A 4 33.27 13.29 -24.25
CA PHE A 4 34.61 13.77 -24.55
C PHE A 4 34.59 14.52 -25.88
N ARG A 5 34.75 15.84 -25.81
CA ARG A 5 34.86 16.69 -27.00
C ARG A 5 36.14 17.50 -26.91
N HIS A 6 36.97 17.40 -27.94
CA HIS A 6 38.28 18.02 -27.98
C HIS A 6 38.41 18.86 -29.24
N ASP A 7 38.71 20.14 -29.07
CA ASP A 7 38.91 21.05 -30.19
C ASP A 7 39.56 22.32 -29.68
N SER A 8 39.93 23.19 -30.62
CA SER A 8 40.52 24.48 -30.33
C SER A 8 39.70 25.57 -31.02
N GLY A 9 40.16 26.82 -30.91
CA GLY A 9 39.50 27.94 -31.50
C GLY A 9 40.09 28.31 -32.84
N TYR A 10 39.24 28.30 -33.87
CA TYR A 10 39.68 28.64 -35.22
C TYR A 10 38.49 29.08 -36.07
N GLY A 37 42.61 23.60 -34.70
CA GLY A 37 42.18 22.24 -34.96
C GLY A 37 42.49 21.27 -33.84
N GLY A 38 41.55 20.38 -33.55
CA GLY A 38 41.73 19.40 -32.50
C GLY A 38 41.35 18.01 -32.98
N VAL A 39 41.65 17.03 -32.14
CA VAL A 39 41.36 15.63 -32.41
C VAL A 39 40.48 15.09 -31.28
N VAL A 40 39.31 14.59 -31.64
CA VAL A 40 38.32 14.12 -30.68
C VAL A 40 37.62 12.89 -31.24
N ILE A 41 36.73 12.31 -30.44
CA ILE A 41 35.89 11.20 -30.86
C ILE A 41 34.57 11.30 -30.12
N ALA A 42 33.46 11.30 -30.86
CA ALA A 42 32.15 11.44 -30.26
C ALA A 42 31.71 10.15 -29.57
N SER B 138 43.01 -1.27 -40.36
CA SER B 138 43.12 -2.73 -40.51
C SER B 138 41.78 -3.40 -40.25
N ALA B 139 41.77 -4.74 -40.33
CA ALA B 139 40.54 -5.48 -40.09
C ALA B 139 40.08 -5.33 -38.64
N GLY B 140 41.01 -5.38 -37.69
CA GLY B 140 40.64 -5.21 -36.29
C GLY B 140 40.17 -3.80 -35.98
N TYR B 141 40.79 -2.80 -36.62
CA TYR B 141 40.41 -1.41 -36.37
C TYR B 141 38.99 -1.13 -36.85
N THR B 142 38.62 -1.68 -38.01
CA THR B 142 37.26 -1.49 -38.52
C THR B 142 36.24 -2.15 -37.60
N VAL B 143 36.56 -3.33 -37.07
CA VAL B 143 35.67 -3.97 -36.11
C VAL B 143 35.61 -3.14 -34.82
N LEU B 144 36.76 -2.61 -34.38
CA LEU B 144 36.80 -1.77 -33.20
C LEU B 144 36.03 -0.46 -33.39
N ARG B 145 35.80 -0.05 -34.64
CA ARG B 145 34.99 1.13 -34.92
C ARG B 145 33.51 0.80 -35.04
N ILE B 146 33.18 -0.35 -35.63
CA ILE B 146 31.78 -0.75 -35.77
C ILE B 146 31.19 -1.16 -34.43
N LEU B 147 32.00 -1.75 -33.54
CA LEU B 147 31.48 -2.24 -32.26
C LEU B 147 30.78 -1.15 -31.44
N PRO B 148 31.33 0.07 -31.30
CA PRO B 148 30.58 1.10 -30.58
C PRO B 148 29.22 1.40 -31.18
N LEU B 149 29.06 1.28 -32.50
CA LEU B 149 27.77 1.55 -33.12
C LEU B 149 26.71 0.57 -32.66
N VAL B 150 27.02 -0.73 -32.70
CA VAL B 150 26.04 -1.73 -32.28
C VAL B 150 25.85 -1.67 -30.76
N VAL B 151 26.90 -1.36 -30.01
CA VAL B 151 26.76 -1.21 -28.56
C VAL B 151 25.80 -0.06 -28.26
N LEU B 152 25.94 1.06 -28.96
CA LEU B 152 25.04 2.19 -28.74
C LEU B 152 23.62 1.88 -29.21
N GLY B 153 23.47 1.09 -30.28
CA GLY B 153 22.13 0.71 -30.72
C GLY B 153 21.41 -0.13 -29.68
N VAL B 154 22.09 -1.16 -29.16
CA VAL B 154 21.47 -1.98 -28.12
C VAL B 154 21.28 -1.16 -26.85
N THR B 155 22.19 -0.22 -26.57
CA THR B 155 22.00 0.67 -25.44
C THR B 155 20.73 1.49 -25.60
N PHE B 156 20.53 2.06 -26.79
CA PHE B 156 19.30 2.81 -27.06
C PHE B 156 18.07 1.94 -26.84
N VAL B 157 18.06 0.73 -27.41
CA VAL B 157 16.88 -0.11 -27.30
C VAL B 157 16.58 -0.47 -25.85
N LEU B 158 17.55 -1.08 -25.17
CA LEU B 158 17.32 -1.54 -23.80
C LEU B 158 17.07 -0.37 -22.86
N GLY B 159 17.72 0.76 -23.08
CA GLY B 159 17.44 1.93 -22.27
C GLY B 159 16.01 2.42 -22.44
N VAL B 160 15.55 2.52 -23.69
CA VAL B 160 14.18 2.96 -23.92
C VAL B 160 13.21 2.04 -23.22
N LEU B 161 13.34 0.73 -23.44
CA LEU B 161 12.39 -0.21 -22.82
C LEU B 161 12.46 -0.16 -21.29
N GLY B 162 13.66 -0.30 -20.72
CA GLY B 162 13.77 -0.35 -19.27
C GLY B 162 13.34 0.93 -18.60
N ASN B 163 13.78 2.09 -19.11
CA ASN B 163 13.39 3.36 -18.53
C ASN B 163 11.89 3.60 -18.67
N GLY B 164 11.30 3.23 -19.82
CA GLY B 164 9.87 3.38 -19.97
C GLY B 164 9.10 2.55 -18.96
N LEU B 165 9.50 1.28 -18.79
CA LEU B 165 8.82 0.43 -17.81
C LEU B 165 9.00 0.97 -16.39
N VAL B 166 10.20 1.40 -16.03
CA VAL B 166 10.44 1.89 -14.68
C VAL B 166 9.64 3.15 -14.42
N ILE B 167 9.60 4.07 -15.38
CA ILE B 167 8.82 5.29 -15.21
C ILE B 167 7.34 4.96 -15.09
N TRP B 168 6.83 4.07 -15.95
CA TRP B 168 5.42 3.74 -15.94
C TRP B 168 5.01 3.09 -14.63
N VAL B 169 5.87 2.25 -14.06
CA VAL B 169 5.52 1.56 -12.83
C VAL B 169 5.69 2.48 -11.62
N ALA B 170 6.86 3.09 -11.46
CA ALA B 170 7.14 3.86 -10.25
C ALA B 170 6.36 5.17 -10.23
N GLY B 171 6.36 5.91 -11.34
CA GLY B 171 5.77 7.23 -11.33
C GLY B 171 4.26 7.23 -11.17
N PHE B 172 3.58 6.28 -11.80
CA PHE B 172 2.13 6.27 -11.84
C PHE B 172 1.50 5.08 -11.11
N ARG B 173 2.12 3.92 -11.12
CA ARG B 173 1.54 2.71 -10.55
C ARG B 173 2.15 2.34 -9.20
N MET B 174 2.92 3.23 -8.58
CA MET B 174 3.55 2.95 -7.31
C MET B 174 3.37 4.13 -6.36
N THR B 175 3.31 3.81 -5.07
CA THR B 175 3.24 4.84 -4.03
C THR B 175 4.58 5.57 -3.93
N ARG B 176 4.52 6.88 -3.71
CA ARG B 176 5.73 7.68 -3.61
C ARG B 176 6.57 7.22 -2.43
N THR B 177 7.86 7.02 -2.68
CA THR B 177 8.80 6.60 -1.65
C THR B 177 10.16 7.21 -2.00
N VAL B 178 10.98 7.44 -0.97
CA VAL B 178 12.29 8.06 -1.17
C VAL B 178 13.11 7.22 -2.13
N THR B 179 13.18 5.91 -1.89
CA THR B 179 13.86 5.02 -2.84
C THR B 179 13.17 5.06 -4.20
N THR B 180 11.84 5.06 -4.21
CA THR B 180 11.10 5.17 -5.46
C THR B 180 11.39 6.50 -6.15
N ILE B 181 11.49 7.58 -5.38
CA ILE B 181 11.78 8.89 -5.97
C ILE B 181 13.16 8.90 -6.61
N CYS B 182 14.16 8.38 -5.92
CA CYS B 182 15.50 8.33 -6.49
C CYS B 182 15.55 7.45 -7.73
N TYR B 183 14.86 6.31 -7.69
CA TYR B 183 14.80 5.43 -8.86
C TYR B 183 14.13 6.13 -10.03
N LEU B 184 13.05 6.87 -9.76
CA LEU B 184 12.35 7.59 -10.82
C LEU B 184 13.24 8.67 -11.43
N ASN B 185 13.97 9.41 -10.60
CA ASN B 185 14.87 10.43 -11.14
C ASN B 185 15.98 9.80 -11.97
N LEU B 186 16.55 8.69 -11.50
CA LEU B 186 17.59 8.01 -12.27
C LEU B 186 17.05 7.50 -13.60
N ALA B 187 15.86 6.92 -13.58
CA ALA B 187 15.26 6.42 -14.82
C ALA B 187 14.93 7.55 -15.77
N LEU B 188 14.45 8.68 -15.25
CA LEU B 188 14.16 9.83 -16.10
C LEU B 188 15.44 10.37 -16.74
N ALA B 189 16.52 10.46 -15.98
CA ALA B 189 17.79 10.89 -16.55
C ALA B 189 18.26 9.92 -17.61
N ASP B 190 18.17 8.62 -17.35
CA ASP B 190 18.61 7.62 -18.32
C ASP B 190 17.77 7.66 -19.58
N PHE B 191 16.46 7.89 -19.45
CA PHE B 191 15.58 7.96 -20.61
C PHE B 191 15.85 9.21 -21.43
N SER B 192 16.03 10.36 -20.76
CA SER B 192 16.34 11.59 -21.47
C SER B 192 17.67 11.51 -22.19
N PHE B 193 18.65 10.84 -21.59
CA PHE B 193 19.91 10.59 -22.29
C PHE B 193 19.72 9.64 -23.46
N THR B 194 18.90 8.60 -23.27
CA THR B 194 18.72 7.58 -24.31
C THR B 194 17.88 8.11 -25.46
N ALA B 195 16.97 9.03 -25.19
CA ALA B 195 16.13 9.59 -26.26
C ALA B 195 16.98 10.32 -27.30
N THR B 196 18.00 11.04 -26.85
CA THR B 196 18.91 11.74 -27.75
C THR B 196 20.11 10.89 -28.14
N LEU B 197 20.18 9.64 -27.68
CA LEU B 197 21.31 8.77 -28.02
C LEU B 197 21.37 8.40 -29.50
N PRO B 198 20.27 8.21 -30.23
CA PRO B 198 20.40 7.97 -31.68
C PRO B 198 21.09 9.11 -32.42
N PHE B 199 21.00 10.34 -31.91
CA PHE B 199 21.79 11.43 -32.47
C PHE B 199 23.28 11.14 -32.33
N LEU B 200 23.70 10.66 -31.17
CA LEU B 200 25.10 10.28 -30.99
C LEU B 200 25.46 9.10 -31.89
N ILE B 201 24.52 8.18 -32.10
CA ILE B 201 24.79 7.04 -32.98
C ILE B 201 25.06 7.53 -34.40
N VAL B 202 24.18 8.38 -34.93
CA VAL B 202 24.35 8.87 -36.29
C VAL B 202 25.53 9.83 -36.40
N SER B 203 25.94 10.46 -35.30
CA SER B 203 27.15 11.28 -35.33
C SER B 203 28.41 10.43 -35.39
N MET B 204 28.46 9.36 -34.58
CA MET B 204 29.63 8.47 -34.59
C MET B 204 29.65 7.54 -35.79
N ALA B 205 28.54 7.43 -36.52
CA ALA B 205 28.49 6.54 -37.67
C ALA B 205 29.47 6.99 -38.76
N MET B 206 29.60 8.30 -38.97
CA MET B 206 30.46 8.85 -40.00
C MET B 206 31.50 9.80 -39.44
N GLY B 207 31.96 9.55 -38.21
CA GLY B 207 33.09 10.26 -37.65
C GLY B 207 32.81 11.68 -37.18
N GLU B 208 31.99 11.81 -36.13
CA GLU B 208 31.74 13.05 -35.40
C GLU B 208 31.01 14.10 -36.23
N LYS B 209 30.68 13.82 -37.48
CA LYS B 209 29.98 14.80 -38.31
C LYS B 209 28.55 14.99 -37.80
N TRP B 210 28.10 16.24 -37.79
CA TRP B 210 26.76 16.56 -37.36
C TRP B 210 25.91 17.02 -38.54
N PRO B 211 24.99 16.19 -39.03
CA PRO B 211 24.12 16.63 -40.14
C PRO B 211 23.15 17.72 -39.76
N PHE B 212 22.91 17.95 -38.47
CA PHE B 212 21.89 18.87 -38.00
C PHE B 212 22.49 20.25 -37.75
N GLY B 213 21.64 21.17 -37.29
CA GLY B 213 22.02 22.55 -37.11
C GLY B 213 22.74 22.82 -35.81
N TRP B 214 23.07 24.10 -35.61
CA TRP B 214 23.80 24.51 -34.41
C TRP B 214 22.93 24.35 -33.16
N PHE B 215 21.69 24.83 -33.21
CA PHE B 215 20.84 24.78 -32.04
C PHE B 215 20.51 23.35 -31.64
N LEU B 216 20.26 22.48 -32.62
CA LEU B 216 19.90 21.11 -32.30
C LEU B 216 21.10 20.36 -31.71
N CYS B 217 22.29 20.57 -32.25
CA CYS B 217 23.49 19.97 -31.65
C CYS B 217 23.71 20.49 -30.25
N LYS B 218 23.51 21.80 -30.04
CA LYS B 218 23.63 22.37 -28.71
C LYS B 218 22.67 21.69 -27.74
N LEU B 219 21.40 21.55 -28.13
CA LEU B 219 20.41 20.94 -27.26
C LEU B 219 20.76 19.49 -26.97
N ILE B 220 21.17 18.73 -28.00
CA ILE B 220 21.49 17.32 -27.81
C ILE B 220 22.67 17.16 -26.86
N HIS B 221 23.72 17.96 -27.06
CA HIS B 221 24.90 17.84 -26.22
C HIS B 221 24.60 18.26 -24.78
N ILE B 222 23.83 19.33 -24.59
CA ILE B 222 23.46 19.75 -23.23
C ILE B 222 22.63 18.66 -22.56
N VAL B 223 21.68 18.07 -23.28
CA VAL B 223 20.85 17.02 -22.71
C VAL B 223 21.71 15.82 -22.31
N VAL B 224 22.64 15.42 -23.19
CA VAL B 224 23.49 14.25 -22.90
C VAL B 224 24.35 14.52 -21.69
N ASP B 225 24.97 15.70 -21.64
CA ASP B 225 25.86 16.06 -20.53
C ASP B 225 25.09 16.12 -19.21
N ILE B 226 23.94 16.81 -19.22
CA ILE B 226 23.12 16.95 -18.02
C ILE B 226 22.67 15.59 -17.53
N ASN B 227 22.19 14.73 -18.44
CA ASN B 227 21.69 13.42 -18.04
C ASN B 227 22.81 12.50 -17.58
N LEU B 228 24.02 12.64 -18.13
CA LEU B 228 25.12 11.80 -17.67
C LEU B 228 25.55 12.17 -16.26
N PHE B 229 25.77 13.46 -15.99
CA PHE B 229 26.02 13.85 -14.60
C PHE B 229 24.83 13.51 -13.71
N GLY B 230 23.61 13.59 -14.24
CA GLY B 230 22.45 13.21 -13.43
C GLY B 230 22.47 11.74 -13.05
N SER B 231 22.78 10.86 -14.01
CA SER B 231 22.84 9.44 -13.70
C SER B 231 23.94 9.16 -12.70
N VAL B 232 25.11 9.78 -12.87
CA VAL B 232 26.22 9.54 -11.96
C VAL B 232 25.88 10.03 -10.56
N PHE B 233 25.30 11.23 -10.44
CA PHE B 233 24.99 11.79 -9.14
C PHE B 233 23.83 11.06 -8.47
N LEU B 234 22.84 10.58 -9.24
CA LEU B 234 21.80 9.74 -8.67
C LEU B 234 22.35 8.41 -8.19
N ILE B 235 23.31 7.82 -8.91
CA ILE B 235 23.94 6.60 -8.42
C ILE B 235 24.64 6.88 -7.08
N GLY B 236 25.41 7.97 -7.03
CA GLY B 236 26.10 8.32 -5.80
C GLY B 236 25.15 8.60 -4.66
N PHE B 237 24.05 9.31 -4.93
CA PHE B 237 23.10 9.64 -3.89
C PHE B 237 22.31 8.43 -3.43
N ILE B 238 22.02 7.49 -4.33
CA ILE B 238 21.37 6.25 -3.94
C ILE B 238 22.30 5.44 -3.04
N ALA B 239 23.59 5.41 -3.37
CA ALA B 239 24.56 4.76 -2.49
C ALA B 239 24.59 5.42 -1.12
N LEU B 240 24.60 6.76 -1.09
CA LEU B 240 24.62 7.48 0.17
C LEU B 240 23.36 7.22 0.99
N ASP B 241 22.20 7.20 0.32
CA ASP B 241 20.94 6.96 1.02
C ASP B 241 20.89 5.56 1.60
N ARG B 242 21.34 4.56 0.83
CA ARG B 242 21.39 3.20 1.35
C ARG B 242 22.35 3.09 2.54
N CYS B 243 23.50 3.76 2.44
CA CYS B 243 24.44 3.75 3.56
C CYS B 243 23.84 4.40 4.80
N ILE B 244 23.12 5.50 4.62
CA ILE B 244 22.47 6.17 5.75
C ILE B 244 21.42 5.27 6.37
N CYS B 245 20.61 4.61 5.54
CA CYS B 245 19.56 3.74 6.05
C CYS B 245 20.14 2.54 6.79
N VAL B 246 21.26 1.99 6.30
CA VAL B 246 21.84 0.81 6.93
C VAL B 246 22.58 1.18 8.20
N LEU B 247 23.48 2.16 8.13
CA LEU B 247 24.30 2.51 9.28
C LEU B 247 23.50 3.21 10.36
N HIS B 248 22.59 4.11 9.98
CA HIS B 248 21.79 4.89 10.91
C HIS B 248 20.32 4.70 10.58
N PRO B 249 19.75 3.53 10.94
CA PRO B 249 18.33 3.31 10.66
C PRO B 249 17.40 4.26 11.39
N VAL B 250 17.77 4.71 12.59
CA VAL B 250 16.91 5.61 13.34
C VAL B 250 16.80 6.95 12.63
N TRP B 251 17.92 7.50 12.17
CA TRP B 251 17.91 8.76 11.46
C TRP B 251 17.12 8.65 10.15
N ALA B 252 17.29 7.53 9.43
CA ALA B 252 16.54 7.33 8.20
C ALA B 252 15.05 7.25 8.46
N GLN B 253 14.65 6.56 9.53
CA GLN B 253 13.23 6.45 9.86
C GLN B 253 12.67 7.80 10.28
N ASN B 254 13.45 8.61 10.99
CA ASN B 254 12.94 9.87 11.51
C ASN B 254 12.96 10.99 10.48
N HIS B 255 14.00 11.04 9.64
CA HIS B 255 14.24 12.21 8.81
C HIS B 255 14.04 11.99 7.31
N ARG B 256 14.22 10.77 6.81
CA ARG B 256 14.10 10.53 5.38
C ARG B 256 12.64 10.57 4.95
N THR B 257 12.18 11.73 4.50
CA THR B 257 10.80 11.93 4.07
C THR B 257 10.77 12.31 2.59
N VAL B 258 9.55 12.33 2.04
CA VAL B 258 9.38 12.62 0.62
C VAL B 258 9.77 14.07 0.32
N SER B 259 9.31 15.01 1.15
CA SER B 259 9.66 16.41 0.94
C SER B 259 11.15 16.63 1.10
N LEU B 260 11.76 16.02 2.13
CA LEU B 260 13.20 16.09 2.28
C LEU B 260 13.90 15.41 1.12
N ALA B 261 13.32 14.32 0.60
CA ALA B 261 13.91 13.65 -0.55
C ALA B 261 13.94 14.58 -1.77
N MET B 262 12.86 15.32 -2.02
CA MET B 262 12.87 16.28 -3.12
C MET B 262 13.87 17.40 -2.87
N LYS B 263 13.92 17.90 -1.63
CA LYS B 263 14.81 19.00 -1.31
C LYS B 263 16.28 18.61 -1.46
N VAL B 264 16.62 17.35 -1.20
CA VAL B 264 17.99 16.90 -1.38
C VAL B 264 18.26 16.33 -2.76
N ILE B 265 17.21 16.02 -3.53
CA ILE B 265 17.39 15.51 -4.89
C ILE B 265 17.47 16.64 -5.91
N VAL B 266 16.97 17.83 -5.58
CA VAL B 266 17.15 18.96 -6.49
C VAL B 266 18.62 19.36 -6.57
N GLY B 267 19.40 19.03 -5.54
CA GLY B 267 20.81 19.40 -5.48
C GLY B 267 21.69 18.80 -6.57
N PRO B 268 21.62 17.47 -6.76
CA PRO B 268 22.42 16.86 -7.83
C PRO B 268 22.14 17.43 -9.21
N TRP B 269 20.88 17.79 -9.50
CA TRP B 269 20.59 18.43 -10.78
C TRP B 269 21.23 19.81 -10.86
N ILE B 270 21.24 20.56 -9.76
CA ILE B 270 21.91 21.85 -9.75
C ILE B 270 23.40 21.67 -10.02
N LEU B 271 24.01 20.66 -9.39
CA LEU B 271 25.42 20.38 -9.65
C LEU B 271 25.64 20.00 -11.11
N ALA B 272 24.71 19.25 -11.69
CA ALA B 272 24.82 18.89 -13.11
C ALA B 272 24.78 20.13 -13.99
N LEU B 273 23.88 21.07 -13.69
CA LEU B 273 23.86 22.32 -14.45
C LEU B 273 25.16 23.12 -14.28
N VAL B 274 25.69 23.17 -13.07
CA VAL B 274 26.94 23.90 -12.85
C VAL B 274 28.09 23.26 -13.63
N LEU B 275 28.16 21.93 -13.63
CA LEU B 275 29.22 21.25 -14.37
C LEU B 275 28.97 21.23 -15.88
N THR B 276 27.75 21.50 -16.32
CA THR B 276 27.42 21.49 -17.73
C THR B 276 27.49 22.88 -18.38
N LEU B 277 27.45 23.94 -17.57
CA LEU B 277 27.46 25.31 -18.12
C LEU B 277 28.60 25.58 -19.10
N PRO B 278 29.78 24.94 -18.99
CA PRO B 278 30.76 25.09 -20.07
C PRO B 278 30.22 24.64 -21.42
N VAL B 279 29.38 23.61 -21.44
CA VAL B 279 28.68 23.26 -22.68
C VAL B 279 27.70 24.36 -23.06
N PHE B 280 27.10 25.02 -22.07
CA PHE B 280 26.15 26.09 -22.37
C PHE B 280 26.82 27.22 -23.13
N LEU B 281 27.98 27.68 -22.67
CA LEU B 281 28.59 28.82 -23.36
C LEU B 281 29.62 28.38 -24.40
N PHE B 282 30.60 27.56 -24.00
CA PHE B 282 31.79 27.37 -24.82
C PHE B 282 31.50 26.55 -26.07
N LEU B 283 30.64 25.54 -25.98
CA LEU B 283 30.38 24.69 -27.13
C LEU B 283 29.63 25.45 -28.21
N THR B 284 30.09 25.31 -29.46
CA THR B 284 29.47 25.95 -30.62
C THR B 284 29.45 24.95 -31.76
N THR B 285 29.17 25.44 -32.96
CA THR B 285 29.20 24.64 -34.18
C THR B 285 30.08 25.33 -35.21
N VAL B 286 31.02 24.58 -35.79
CA VAL B 286 31.93 25.11 -36.80
C VAL B 286 31.90 24.20 -38.02
N THR B 287 32.21 24.79 -39.17
CA THR B 287 32.25 24.08 -40.44
C THR B 287 33.66 24.11 -40.99
N ILE B 288 34.21 22.94 -41.28
CA ILE B 288 35.53 22.85 -41.91
C ILE B 288 35.43 23.39 -43.33
N PRO B 289 36.42 24.15 -43.82
CA PRO B 289 36.34 24.65 -45.21
C PRO B 289 36.25 23.55 -46.25
N ASN B 290 36.67 22.32 -45.93
CA ASN B 290 36.56 21.21 -46.86
C ASN B 290 35.12 20.78 -47.11
N GLY B 291 34.16 21.27 -46.30
CA GLY B 291 32.75 20.95 -46.46
C GLY B 291 32.15 20.24 -45.26
N ASP B 292 32.95 19.46 -44.54
CA ASP B 292 32.46 18.76 -43.36
C ASP B 292 32.23 19.75 -42.23
N THR B 293 31.26 19.42 -41.35
CA THR B 293 30.93 20.24 -40.20
C THR B 293 30.95 19.40 -38.94
N TYR B 294 31.52 19.95 -37.88
CA TYR B 294 31.54 19.31 -36.57
C TYR B 294 31.23 20.38 -35.53
N CYS B 295 30.24 20.10 -34.67
CA CYS B 295 29.86 21.03 -33.61
C CYS B 295 30.64 20.67 -32.36
N THR B 296 31.75 21.37 -32.14
CA THR B 296 32.63 21.16 -31.00
C THR B 296 32.97 22.51 -30.40
N PHE B 297 33.94 22.52 -29.48
CA PHE B 297 34.34 23.77 -28.83
C PHE B 297 35.10 24.66 -29.80
N ASN B 298 34.70 25.93 -29.88
CA ASN B 298 35.40 26.94 -30.66
C ASN B 298 35.49 28.22 -29.85
N PHE B 299 36.66 28.86 -29.87
CA PHE B 299 36.95 30.01 -29.03
C PHE B 299 37.36 31.24 -29.83
N ALA B 300 36.81 31.42 -31.02
CA ALA B 300 37.14 32.61 -31.81
C ALA B 300 36.68 33.89 -31.11
N SER B 301 35.45 33.89 -30.59
CA SER B 301 34.92 35.09 -29.95
C SER B 301 35.51 35.30 -28.57
N TRP B 302 35.65 34.23 -27.79
CA TRP B 302 36.16 34.36 -26.42
C TRP B 302 37.62 34.78 -26.40
N GLY B 303 38.47 34.09 -27.17
CA GLY B 303 39.88 34.42 -27.18
C GLY B 303 40.15 35.79 -27.80
N GLY B 304 39.52 36.07 -28.93
CA GLY B 304 39.75 37.30 -29.66
C GLY B 304 41.00 37.31 -30.51
N THR B 305 41.99 36.49 -30.17
CA THR B 305 43.22 36.32 -30.93
C THR B 305 43.59 34.85 -30.89
N PRO B 306 44.28 34.34 -31.91
CA PRO B 306 44.63 32.90 -31.90
C PRO B 306 45.42 32.45 -30.69
N GLU B 307 46.37 33.28 -30.22
CA GLU B 307 47.17 32.89 -29.06
C GLU B 307 46.32 32.85 -27.80
N GLU B 308 45.52 33.89 -27.57
CA GLU B 308 44.65 33.90 -26.40
C GLU B 308 43.59 32.80 -26.50
N ARG B 309 43.08 32.55 -27.70
CA ARG B 309 42.11 31.48 -27.88
C ARG B 309 42.72 30.12 -27.56
N LEU B 310 43.95 29.87 -28.01
CA LEU B 310 44.62 28.61 -27.69
C LEU B 310 44.89 28.49 -26.19
N LYS B 311 45.31 29.58 -25.56
CA LYS B 311 45.54 29.54 -24.11
C LYS B 311 44.25 29.24 -23.36
N VAL B 312 43.15 29.88 -23.77
CA VAL B 312 41.86 29.64 -23.13
C VAL B 312 41.41 28.20 -23.36
N ALA B 313 41.69 27.67 -24.56
CA ALA B 313 41.36 26.28 -24.85
C ALA B 313 42.12 25.34 -23.92
N ILE B 314 43.42 25.56 -23.78
CA ILE B 314 44.23 24.72 -22.91
C ILE B 314 43.70 24.78 -21.48
N THR B 315 43.45 25.99 -20.99
CA THR B 315 43.00 26.17 -19.61
C THR B 315 41.65 25.50 -19.38
N MET B 316 40.68 25.75 -20.27
CA MET B 316 39.35 25.22 -20.04
C MET B 316 39.33 23.70 -20.18
N LEU B 317 40.09 23.17 -21.16
CA LEU B 317 40.13 21.72 -21.32
C LEU B 317 40.76 21.04 -20.12
N THR B 318 41.85 21.60 -19.59
CA THR B 318 42.45 21.03 -18.39
C THR B 318 41.49 21.10 -17.21
N ALA B 319 40.82 22.24 -17.03
CA ALA B 319 39.89 22.40 -15.92
C ALA B 319 38.73 21.42 -16.04
N ARG B 320 38.18 21.28 -17.25
CA ARG B 320 37.06 20.37 -17.46
C ARG B 320 37.48 18.93 -17.23
N GLY B 321 38.67 18.54 -17.69
CA GLY B 321 39.14 17.19 -17.47
C GLY B 321 39.33 16.88 -16.00
N ILE B 322 39.97 17.78 -15.26
CA ILE B 322 40.20 17.53 -13.84
C ILE B 322 38.88 17.55 -13.07
N ILE B 323 37.97 18.44 -13.45
CA ILE B 323 36.66 18.51 -12.78
C ILE B 323 35.88 17.22 -13.03
N ARG B 324 35.88 16.74 -14.27
CA ARG B 324 35.20 15.48 -14.56
C ARG B 324 35.81 14.33 -13.77
N PHE B 325 37.15 14.25 -13.76
CA PHE B 325 37.80 13.16 -13.04
C PHE B 325 37.50 13.21 -11.55
N VAL B 326 37.50 14.40 -10.95
CA VAL B 326 37.32 14.50 -9.50
C VAL B 326 35.86 14.36 -9.12
N ILE B 327 35.03 15.32 -9.57
CA ILE B 327 33.63 15.32 -9.16
C ILE B 327 32.83 14.22 -9.85
N GLY B 328 33.05 14.02 -11.15
CA GLY B 328 32.27 13.05 -11.88
C GLY B 328 32.65 11.61 -11.57
N PHE B 329 33.93 11.36 -11.30
CA PHE B 329 34.41 10.00 -11.09
C PHE B 329 34.91 9.76 -9.67
N LEU B 330 35.88 10.55 -9.19
CA LEU B 330 36.45 10.28 -7.88
C LEU B 330 35.41 10.49 -6.77
N LEU B 331 34.59 11.53 -6.87
CA LEU B 331 33.60 11.78 -5.83
C LEU B 331 32.57 10.66 -5.71
N PRO B 332 31.93 10.18 -6.79
CA PRO B 332 30.95 9.11 -6.60
C PRO B 332 31.59 7.76 -6.35
N MET B 333 32.68 7.43 -7.05
CA MET B 333 33.33 6.14 -6.85
C MET B 333 33.82 5.97 -5.42
N SER B 334 34.41 7.02 -4.85
CA SER B 334 34.75 6.98 -3.44
C SER B 334 33.50 6.87 -2.58
N ILE B 335 32.43 7.56 -2.95
CA ILE B 335 31.18 7.46 -2.22
C ILE B 335 30.56 6.07 -2.41
N VAL B 336 30.49 5.60 -3.65
CA VAL B 336 29.85 4.32 -3.91
C VAL B 336 30.61 3.18 -3.23
N ALA B 337 31.93 3.19 -3.32
CA ALA B 337 32.72 2.14 -2.67
C ALA B 337 32.58 2.20 -1.15
N ILE B 338 32.64 3.41 -0.58
CA ILE B 338 32.55 3.55 0.88
C ILE B 338 31.15 3.23 1.36
N CYS B 339 30.12 3.75 0.69
CA CYS B 339 28.75 3.53 1.12
C CYS B 339 28.38 2.05 1.05
N TYR B 340 28.64 1.42 -0.10
CA TYR B 340 28.34 0.00 -0.21
C TYR B 340 29.34 -0.86 0.57
N GLY B 341 30.54 -0.35 0.82
CA GLY B 341 31.48 -1.08 1.65
C GLY B 341 31.03 -1.15 3.10
N LEU B 342 30.52 -0.05 3.63
CA LEU B 342 30.00 -0.06 5.01
C LEU B 342 28.73 -0.88 5.12
N ILE B 343 27.90 -0.89 4.06
CA ILE B 343 26.69 -1.70 4.08
C ILE B 343 27.03 -3.18 4.18
N ALA B 344 27.97 -3.63 3.34
CA ALA B 344 28.41 -5.02 3.39
C ALA B 344 29.10 -5.34 4.71
N ALA B 345 29.85 -4.40 5.26
CA ALA B 345 30.52 -4.63 6.55
C ALA B 345 29.51 -4.79 7.67
N LYS B 346 28.47 -3.96 7.70
CA LYS B 346 27.48 -4.05 8.77
C LYS B 346 26.61 -5.29 8.62
N ILE B 347 26.22 -5.62 7.39
CA ILE B 347 25.40 -6.81 7.16
C ILE B 347 26.16 -8.07 7.55
N HIS B 348 27.44 -8.14 7.16
CA HIS B 348 28.26 -9.30 7.54
C HIS B 348 28.47 -9.36 9.05
N LYS B 349 28.69 -8.21 9.68
CA LYS B 349 28.89 -8.18 11.13
C LYS B 349 27.64 -8.61 11.88
N LYS B 350 26.47 -8.16 11.43
CA LYS B 350 25.22 -8.48 12.10
C LYS B 350 24.66 -9.84 11.71
N GLY B 351 25.28 -10.52 10.75
CA GLY B 351 24.81 -11.83 10.35
C GLY B 351 23.46 -11.85 9.68
N MET B 352 23.19 -10.89 8.80
CA MET B 352 21.94 -10.83 8.05
C MET B 352 22.04 -11.51 6.70
N ILE B 353 23.14 -12.20 6.42
CA ILE B 353 23.35 -12.84 5.11
C ILE B 353 22.67 -14.19 5.17
N LYS B 354 21.36 -14.20 4.85
CA LYS B 354 20.65 -15.46 4.71
C LYS B 354 20.98 -16.14 3.39
N SER B 355 21.22 -15.37 2.34
CA SER B 355 21.60 -15.88 1.04
C SER B 355 22.64 -14.97 0.43
N SER B 356 23.28 -15.44 -0.64
CA SER B 356 24.31 -14.66 -1.31
C SER B 356 23.74 -13.59 -2.23
N ARG B 357 22.42 -13.52 -2.37
CA ARG B 357 21.81 -12.55 -3.29
C ARG B 357 22.13 -11.10 -2.95
N PRO B 358 22.03 -10.64 -1.70
CA PRO B 358 22.39 -9.23 -1.42
C PRO B 358 23.84 -8.91 -1.72
N LEU B 359 24.76 -9.76 -1.26
CA LEU B 359 26.18 -9.53 -1.54
C LEU B 359 26.47 -9.60 -3.03
N ARG B 360 25.83 -10.54 -3.73
CA ARG B 360 26.01 -10.64 -5.17
C ARG B 360 25.52 -9.38 -5.88
N VAL B 361 24.37 -8.85 -5.46
CA VAL B 361 23.83 -7.64 -6.07
C VAL B 361 24.75 -6.46 -5.81
N LEU B 362 25.23 -6.31 -4.58
CA LEU B 362 26.13 -5.20 -4.26
C LEU B 362 27.42 -5.29 -5.06
N THR B 363 28.00 -6.49 -5.13
CA THR B 363 29.22 -6.68 -5.89
C THR B 363 29.00 -6.40 -7.38
N ALA B 364 27.86 -6.84 -7.91
CA ALA B 364 27.55 -6.56 -9.31
C ALA B 364 27.43 -5.07 -9.55
N VAL B 365 26.75 -4.34 -8.65
CA VAL B 365 26.60 -2.90 -8.82
C VAL B 365 27.96 -2.21 -8.84
N VAL B 366 28.79 -2.49 -7.84
CA VAL B 366 30.08 -1.80 -7.74
C VAL B 366 30.98 -2.19 -8.91
N ALA B 367 31.03 -3.49 -9.23
CA ALA B 367 31.91 -3.94 -10.30
C ALA B 367 31.49 -3.39 -11.65
N SER B 368 30.18 -3.36 -11.94
CA SER B 368 29.72 -2.81 -13.21
C SER B 368 30.03 -1.32 -13.29
N PHE B 369 29.72 -0.57 -12.24
CA PHE B 369 30.01 0.87 -12.24
C PHE B 369 31.50 1.11 -12.47
N PHE B 370 32.35 0.35 -11.79
CA PHE B 370 33.79 0.50 -11.98
C PHE B 370 34.20 0.17 -13.41
N ILE B 371 33.99 -1.07 -13.84
CA ILE B 371 34.50 -1.52 -15.13
C ILE B 371 33.86 -0.78 -16.30
N CYS B 372 32.81 0.00 -16.06
CA CYS B 372 32.24 0.81 -17.12
C CYS B 372 32.72 2.26 -17.09
N TRP B 373 32.67 2.92 -15.92
CA TRP B 373 33.02 4.34 -15.88
C TRP B 373 34.52 4.56 -15.80
N PHE B 374 35.24 3.74 -15.04
CA PHE B 374 36.67 3.91 -14.91
C PHE B 374 37.42 3.90 -16.24
N PRO B 375 37.13 3.04 -17.22
CA PRO B 375 37.84 3.15 -18.50
C PRO B 375 37.65 4.49 -19.19
N PHE B 376 36.40 4.96 -19.30
CA PHE B 376 36.15 6.23 -19.97
C PHE B 376 36.77 7.39 -19.21
N GLN B 377 36.63 7.40 -17.88
CA GLN B 377 37.22 8.48 -17.09
C GLN B 377 38.73 8.47 -17.17
N LEU B 378 39.34 7.28 -17.16
CA LEU B 378 40.79 7.19 -17.29
C LEU B 378 41.26 7.68 -18.67
N VAL B 379 40.51 7.34 -19.72
CA VAL B 379 40.86 7.82 -21.06
C VAL B 379 40.75 9.34 -21.12
N ALA B 380 39.69 9.90 -20.54
CA ALA B 380 39.52 11.35 -20.53
C ALA B 380 40.64 12.02 -19.74
N LEU B 381 41.01 11.45 -18.59
CA LEU B 381 42.10 12.02 -17.81
C LEU B 381 43.42 11.95 -18.54
N LEU B 382 43.68 10.82 -19.23
CA LEU B 382 44.91 10.70 -20.01
C LEU B 382 44.95 11.73 -21.13
N GLY B 383 43.81 11.95 -21.80
CA GLY B 383 43.75 12.99 -22.81
C GLY B 383 43.93 14.39 -22.24
N THR B 384 43.45 14.62 -21.02
CA THR B 384 43.57 15.93 -20.40
C THR B 384 45.01 16.22 -19.98
N VAL B 385 45.65 15.25 -19.32
CA VAL B 385 47.04 15.47 -18.89
C VAL B 385 47.98 15.55 -20.09
N TRP B 386 47.63 14.92 -21.21
CA TRP B 386 48.41 14.98 -22.43
C TRP B 386 47.81 15.97 -23.42
N LEU B 387 47.23 17.06 -22.91
CA LEU B 387 46.52 18.02 -23.75
C LEU B 387 47.46 18.68 -24.76
N LYS B 388 48.59 19.19 -24.28
CA LYS B 388 49.53 19.87 -25.17
C LYS B 388 50.13 18.90 -26.18
N GLU B 389 50.48 17.70 -25.75
CA GLU B 389 51.06 16.71 -26.67
C GLU B 389 50.10 16.33 -27.76
N MET B 390 48.81 16.17 -27.43
CA MET B 390 47.82 15.80 -28.43
C MET B 390 47.51 16.95 -29.36
N LEU B 391 47.37 18.17 -28.83
CA LEU B 391 46.98 19.31 -29.66
C LEU B 391 48.11 19.76 -30.57
N PHE B 392 49.32 19.89 -30.02
CA PHE B 392 50.42 20.47 -30.79
C PHE B 392 51.08 19.45 -31.70
N TYR B 393 51.32 18.23 -31.20
CA TYR B 393 52.05 17.23 -31.95
C TYR B 393 51.30 15.92 -32.17
N GLY B 394 50.23 15.66 -31.41
CA GLY B 394 49.51 14.41 -31.57
C GLY B 394 50.33 13.19 -31.24
N LYS B 395 51.11 13.25 -30.16
CA LYS B 395 51.97 12.12 -29.80
C LYS B 395 51.15 10.89 -29.42
N TYR B 396 50.04 11.08 -28.71
CA TYR B 396 49.21 9.99 -28.22
C TYR B 396 47.95 9.92 -29.10
N LYS B 397 47.97 9.04 -30.09
CA LYS B 397 46.85 8.84 -30.99
C LYS B 397 45.90 7.74 -30.51
N ILE B 398 46.32 6.93 -29.53
CA ILE B 398 45.50 5.82 -29.07
C ILE B 398 44.21 6.31 -28.41
N ILE B 399 44.27 7.45 -27.72
CA ILE B 399 43.07 8.00 -27.09
C ILE B 399 42.03 8.35 -28.15
N ASP B 400 42.48 8.85 -29.31
CA ASP B 400 41.55 9.25 -30.36
C ASP B 400 40.67 8.08 -30.79
N ILE B 401 41.25 6.89 -30.93
CA ILE B 401 40.47 5.71 -31.30
C ILE B 401 39.91 4.96 -30.10
N LEU B 402 40.30 5.33 -28.88
CA LEU B 402 39.85 4.64 -27.68
C LEU B 402 38.70 5.33 -26.97
N VAL B 403 38.45 6.61 -27.26
CA VAL B 403 37.33 7.31 -26.62
C VAL B 403 36.00 6.65 -26.99
N ASN B 404 35.83 6.30 -28.26
CA ASN B 404 34.54 5.77 -28.71
C ASN B 404 34.15 4.47 -28.01
N PRO B 405 35.00 3.45 -27.92
CA PRO B 405 34.60 2.25 -27.15
C PRO B 405 34.32 2.53 -25.68
N THR B 406 35.12 3.40 -25.06
CA THR B 406 34.90 3.73 -23.65
C THR B 406 33.61 4.52 -23.46
N SER B 407 33.34 5.46 -24.37
CA SER B 407 32.07 6.18 -24.30
C SER B 407 30.89 5.24 -24.49
N SER B 408 31.01 4.29 -25.41
CA SER B 408 29.95 3.30 -25.62
C SER B 408 29.75 2.46 -24.37
N LEU B 409 30.84 2.07 -23.69
CA LEU B 409 30.71 1.30 -22.46
C LEU B 409 30.03 2.12 -21.37
N ALA B 410 30.40 3.39 -21.23
CA ALA B 410 29.76 4.24 -20.23
C ALA B 410 28.27 4.41 -20.52
N PHE B 411 27.92 4.58 -21.80
CA PHE B 411 26.51 4.73 -22.16
C PHE B 411 25.75 3.42 -21.94
N PHE B 412 26.42 2.28 -22.16
CA PHE B 412 25.80 0.99 -21.84
C PHE B 412 25.58 0.84 -20.34
N ASN B 413 26.49 1.37 -19.53
CA ASN B 413 26.27 1.39 -18.09
C ASN B 413 25.06 2.25 -17.72
N SER B 414 24.96 3.42 -18.34
CA SER B 414 23.78 4.27 -18.13
C SER B 414 22.51 3.54 -18.54
N CYS B 415 22.59 2.72 -19.60
CA CYS B 415 21.45 1.90 -20.01
C CYS B 415 21.10 0.86 -18.96
N LEU B 416 22.11 0.14 -18.45
CA LEU B 416 21.84 -1.01 -17.58
C LEU B 416 21.60 -0.61 -16.13
N ASN B 417 21.84 0.65 -15.76
CA ASN B 417 21.63 1.06 -14.37
C ASN B 417 20.26 0.71 -13.80
N PRO B 418 19.14 0.98 -14.47
CA PRO B 418 17.85 0.57 -13.91
C PRO B 418 17.63 -0.93 -13.92
N MET B 419 18.40 -1.69 -14.70
CA MET B 419 18.22 -3.13 -14.77
C MET B 419 18.61 -3.80 -13.46
N LEU B 420 19.65 -3.30 -12.80
CA LEU B 420 20.08 -3.85 -11.52
C LEU B 420 19.86 -2.89 -10.36
N TYR B 421 19.32 -1.70 -10.61
CA TYR B 421 18.96 -0.78 -9.55
C TYR B 421 17.49 -0.76 -9.22
N VAL B 422 16.63 -1.16 -10.17
CA VAL B 422 15.18 -1.13 -10.00
C VAL B 422 14.56 -2.50 -10.17
N PHE B 423 14.96 -3.23 -11.22
CA PHE B 423 14.38 -4.54 -11.49
C PHE B 423 14.71 -5.57 -10.42
N VAL B 424 15.75 -5.34 -9.62
CA VAL B 424 16.12 -6.30 -8.58
C VAL B 424 15.06 -6.36 -7.49
N GLY B 425 14.38 -5.24 -7.23
CA GLY B 425 13.35 -5.21 -6.21
C GLY B 425 12.19 -6.15 -6.49
N GLN B 426 11.81 -6.94 -5.49
CA GLN B 426 10.72 -7.89 -5.66
C GLN B 426 9.39 -7.17 -5.89
N ASP B 427 9.15 -6.10 -5.13
CA ASP B 427 7.89 -5.37 -5.27
C ASP B 427 7.75 -4.77 -6.66
N PHE B 428 8.84 -4.26 -7.22
CA PHE B 428 8.79 -3.72 -8.58
C PHE B 428 8.46 -4.81 -9.58
N ARG B 429 9.03 -6.01 -9.41
CA ARG B 429 8.71 -7.12 -10.30
C ARG B 429 7.25 -7.53 -10.19
N GLU B 430 6.71 -7.55 -8.96
CA GLU B 430 5.29 -7.88 -8.79
C GLU B 430 4.41 -6.83 -9.46
N ARG B 431 4.74 -5.55 -9.29
CA ARG B 431 3.96 -4.50 -9.94
C ARG B 431 4.04 -4.60 -11.45
N LEU B 432 5.23 -4.92 -11.98
CA LEU B 432 5.39 -5.04 -13.43
C LEU B 432 4.58 -6.21 -13.98
N ILE B 433 4.61 -7.37 -13.30
CA ILE B 433 3.86 -8.52 -13.80
C ILE B 433 2.36 -8.31 -13.59
N HIS B 434 1.98 -7.48 -12.62
CA HIS B 434 0.56 -7.15 -12.45
C HIS B 434 0.09 -6.19 -13.53
N SER B 435 0.95 -5.28 -13.96
CA SER B 435 0.60 -4.32 -15.00
C SER B 435 0.39 -5.01 -16.35
N SER C 6 -14.03 30.56 -12.96
CA SER C 6 -15.02 30.61 -11.88
C SER C 6 -14.34 30.69 -10.51
N ALA C 7 -14.74 31.70 -9.72
CA ALA C 7 -14.14 31.89 -8.40
C ALA C 7 -14.52 30.77 -7.44
N GLU C 8 -15.76 30.28 -7.53
CA GLU C 8 -16.23 29.28 -6.57
C GLU C 8 -15.45 27.98 -6.69
N ASP C 9 -15.17 27.53 -7.91
CA ASP C 9 -14.41 26.30 -8.09
C ASP C 9 -12.98 26.46 -7.58
N LYS C 10 -12.36 27.61 -7.84
CA LYS C 10 -10.99 27.85 -7.39
C LYS C 10 -10.91 28.10 -5.90
N ALA C 11 -12.00 28.55 -5.28
CA ALA C 11 -11.98 28.78 -3.83
C ALA C 11 -11.79 27.48 -3.07
N ALA C 12 -12.44 26.40 -3.51
CA ALA C 12 -12.28 25.11 -2.87
C ALA C 12 -11.04 24.36 -3.33
N ALA C 13 -10.41 24.81 -4.43
CA ALA C 13 -9.17 24.16 -4.88
C ALA C 13 -8.05 24.37 -3.88
N GLU C 14 -7.93 25.58 -3.33
CA GLU C 14 -6.89 25.84 -2.34
C GLU C 14 -7.15 25.07 -1.05
N ARG C 15 -8.42 24.83 -0.72
CA ARG C 15 -8.75 24.04 0.47
C ARG C 15 -8.22 22.62 0.34
N SER C 16 -8.37 22.01 -0.84
CA SER C 16 -7.85 20.66 -1.05
C SER C 16 -6.33 20.64 -1.00
N LYS C 17 -5.68 21.66 -1.58
CA LYS C 17 -4.22 21.70 -1.56
C LYS C 17 -3.69 21.87 -0.14
N MET C 18 -4.30 22.74 0.65
CA MET C 18 -3.88 22.93 2.03
C MET C 18 -4.12 21.67 2.85
N ILE C 19 -5.26 21.00 2.61
CA ILE C 19 -5.53 19.74 3.30
C ILE C 19 -4.52 18.68 2.87
N ASP C 20 -4.16 18.65 1.58
CA ASP C 20 -3.16 17.70 1.11
C ASP C 20 -1.82 17.92 1.80
N LYS C 21 -1.45 19.17 2.04
CA LYS C 21 -0.20 19.46 2.73
C LYS C 21 -0.24 18.94 4.16
N ASN C 22 -1.39 19.08 4.83
CA ASN C 22 -1.52 18.56 6.19
C ASN C 22 -1.55 17.03 6.19
N LEU C 23 -2.14 16.43 5.16
CA LEU C 23 -2.23 14.96 5.11
C LEU C 23 -0.84 14.34 4.98
N ARG C 24 0.00 14.87 4.08
CA ARG C 24 1.33 14.32 3.91
C ARG C 24 2.22 14.64 5.10
N GLU C 25 2.05 15.82 5.72
CA GLU C 25 2.82 16.14 6.91
C GLU C 25 2.46 15.22 8.07
N ASP C 26 1.17 14.98 8.27
CA ASP C 26 0.76 14.04 9.31
C ASP C 26 1.08 12.60 8.94
N GLY C 27 1.00 12.27 7.65
CA GLY C 27 1.37 10.93 7.21
C GLY C 27 2.85 10.64 7.41
N GLU C 28 3.70 11.66 7.21
CA GLU C 28 5.12 11.50 7.49
C GLU C 28 5.37 11.23 8.97
N LYS C 29 4.60 11.89 9.84
CA LYS C 29 4.71 11.63 11.27
C LYS C 29 4.28 10.20 11.60
N ALA C 30 3.26 9.68 10.90
CA ALA C 30 2.86 8.29 11.09
C ALA C 30 3.96 7.33 10.67
N ALA C 31 4.63 7.62 9.55
CA ALA C 31 5.76 6.81 9.13
C ALA C 31 7.02 7.11 9.94
N ARG C 32 7.04 8.22 10.68
CA ARG C 32 8.17 8.55 11.53
C ARG C 32 8.32 7.57 12.69
N GLU C 33 7.25 6.87 13.04
CA GLU C 33 7.23 5.99 14.21
C GLU C 33 6.94 4.56 13.78
N VAL C 34 7.51 3.61 14.52
CA VAL C 34 7.30 2.20 14.28
C VAL C 34 6.08 1.73 15.06
N LYS C 35 5.42 0.69 14.57
CA LYS C 35 4.22 0.14 15.18
C LYS C 35 4.48 -1.30 15.60
N LEU C 36 4.10 -1.63 16.83
CA LEU C 36 4.31 -2.96 17.39
C LEU C 36 2.99 -3.52 17.89
N LEU C 37 2.67 -4.74 17.48
CA LEU C 37 1.44 -5.41 17.90
C LEU C 37 1.77 -6.45 18.96
N LEU C 38 0.89 -6.59 19.94
CA LEU C 38 1.07 -7.50 21.05
C LEU C 38 -0.04 -8.52 21.09
N LEU C 39 0.32 -9.78 21.32
CA LEU C 39 -0.62 -10.88 21.45
C LEU C 39 -0.37 -11.61 22.75
N GLY C 40 -1.28 -12.50 23.10
CA GLY C 40 -1.18 -13.26 24.32
C GLY C 40 -2.13 -12.75 25.39
N ALA C 41 -2.56 -13.66 26.27
CA ALA C 41 -3.48 -13.33 27.35
C ALA C 41 -3.32 -14.38 28.44
N GLY C 42 -4.26 -14.39 29.38
CA GLY C 42 -4.22 -15.35 30.48
C GLY C 42 -3.04 -15.15 31.41
N GLU C 43 -2.78 -13.89 31.78
CA GLU C 43 -1.67 -13.55 32.68
C GLU C 43 -0.34 -14.07 32.15
N SER C 44 -0.11 -13.88 30.85
CA SER C 44 1.11 -14.32 30.20
C SER C 44 2.27 -13.32 30.34
N GLY C 45 2.04 -12.19 31.02
CA GLY C 45 3.05 -11.18 31.16
C GLY C 45 2.99 -10.03 30.18
N LYS C 46 1.92 -9.95 29.37
CA LYS C 46 1.80 -8.87 28.41
C LYS C 46 1.69 -7.52 29.11
N ASN C 47 0.93 -7.45 30.21
CA ASN C 47 0.80 -6.20 30.94
C ASN C 47 2.12 -5.76 31.55
N THR C 48 2.93 -6.71 32.04
CA THR C 48 4.21 -6.37 32.63
C THR C 48 5.14 -5.71 31.61
N ILE C 49 5.11 -6.20 30.37
CA ILE C 49 5.96 -5.62 29.32
C ILE C 49 5.60 -4.17 29.06
N VAL C 50 4.30 -3.84 29.13
CA VAL C 50 3.86 -2.48 28.86
C VAL C 50 4.39 -1.51 29.90
N LYS C 51 4.34 -1.89 31.18
CA LYS C 51 4.73 -0.98 32.25
C LYS C 51 6.20 -0.61 32.17
N GLN C 52 7.07 -1.60 31.92
CA GLN C 52 8.49 -1.32 31.85
C GLN C 52 8.88 -0.56 30.59
N MET C 53 8.10 -0.68 29.52
CA MET C 53 8.36 0.04 28.28
C MET C 53 7.57 1.35 28.17
N LYS C 54 6.81 1.70 29.21
CA LYS C 54 6.02 2.93 29.21
C LYS C 54 6.90 4.09 29.68
N ILE C 55 7.77 4.54 28.78
CA ILE C 55 8.64 5.66 29.09
C ILE C 55 7.84 6.96 29.21
N ILE C 56 6.90 7.17 28.29
CA ILE C 56 6.04 8.34 28.33
C ILE C 56 4.58 7.92 28.49
N GLY C 184 -11.86 -0.26 24.61
CA GLY C 184 -10.97 0.04 23.50
C GLY C 184 -9.58 -0.53 23.67
N ILE C 185 -8.85 -0.68 22.56
CA ILE C 185 -7.50 -1.19 22.63
C ILE C 185 -6.59 -0.15 23.28
N VAL C 186 -5.56 -0.63 23.97
CA VAL C 186 -4.65 0.24 24.71
C VAL C 186 -3.57 0.72 23.75
N GLU C 187 -3.42 2.04 23.63
CA GLU C 187 -2.42 2.65 22.78
C GLU C 187 -1.61 3.63 23.60
N THR C 188 -0.29 3.45 23.63
CA THR C 188 0.61 4.37 24.30
C THR C 188 1.82 4.60 23.42
N HIS C 189 2.45 5.76 23.61
CA HIS C 189 3.58 6.19 22.79
C HIS C 189 4.76 6.50 23.69
N PHE C 190 5.93 5.95 23.33
CA PHE C 190 7.16 6.23 24.05
C PHE C 190 8.31 6.31 23.06
N THR C 191 9.33 7.07 23.42
CA THR C 191 10.50 7.29 22.58
C THR C 191 11.73 6.73 23.27
N PHE C 192 12.47 5.87 22.55
CA PHE C 192 13.70 5.27 23.08
C PHE C 192 14.80 5.45 22.05
N LYS C 193 15.89 6.11 22.46
CA LYS C 193 17.05 6.35 21.60
C LYS C 193 16.64 7.06 20.31
N ASP C 194 15.87 8.13 20.46
CA ASP C 194 15.39 8.96 19.35
C ASP C 194 14.54 8.18 18.35
N LEU C 195 13.93 7.09 18.80
CA LEU C 195 13.04 6.28 17.97
C LEU C 195 11.68 6.23 18.62
N HIS C 196 10.64 6.55 17.84
CA HIS C 196 9.27 6.60 18.35
C HIS C 196 8.59 5.25 18.12
N PHE C 197 8.00 4.71 19.17
CA PHE C 197 7.35 3.41 19.14
C PHE C 197 5.85 3.55 19.38
N LYS C 198 5.10 2.62 18.80
CA LYS C 198 3.66 2.52 19.02
C LYS C 198 3.34 1.18 19.67
N MET C 199 2.57 1.21 20.74
CA MET C 199 2.21 0.01 21.50
C MET C 199 0.71 -0.24 21.36
N PHE C 200 0.35 -1.41 20.87
CA PHE C 200 -1.04 -1.81 20.72
C PHE C 200 -1.30 -3.09 21.51
N ASP C 201 -2.36 -3.08 22.31
CA ASP C 201 -2.79 -4.24 23.07
C ASP C 201 -4.19 -4.61 22.64
N VAL C 202 -4.39 -5.85 22.22
CA VAL C 202 -5.67 -6.32 21.71
C VAL C 202 -6.29 -7.35 22.65
N GLY C 203 -5.91 -7.34 23.92
CA GLY C 203 -6.51 -8.26 24.87
C GLY C 203 -7.96 -7.93 25.18
N ALA C 204 -8.34 -6.66 25.02
CA ALA C 204 -9.72 -6.27 25.27
C ALA C 204 -10.67 -6.82 24.20
N GLN C 205 -10.18 -6.96 22.96
CA GLN C 205 -11.00 -7.47 21.87
C GLN C 205 -11.29 -8.95 22.09
N ARG C 206 -12.52 -9.26 22.50
CA ARG C 206 -12.95 -10.63 22.72
C ARG C 206 -13.52 -11.28 21.47
N SER C 207 -13.63 -10.55 20.36
CA SER C 207 -14.17 -11.08 19.14
C SER C 207 -13.13 -11.95 18.43
N GLU C 208 -13.50 -12.48 17.27
CA GLU C 208 -12.59 -13.31 16.50
C GLU C 208 -11.42 -12.48 15.98
N ARG C 209 -10.21 -13.04 16.09
CA ARG C 209 -9.01 -12.30 15.71
C ARG C 209 -8.96 -12.04 14.21
N LYS C 210 -9.34 -13.03 13.39
CA LYS C 210 -9.16 -12.92 11.95
C LYS C 210 -9.97 -11.79 11.34
N LYS C 211 -11.03 -11.33 12.03
CA LYS C 211 -11.82 -10.23 11.50
C LYS C 211 -11.04 -8.91 11.52
N TRP C 212 -10.22 -8.70 12.55
CA TRP C 212 -9.47 -7.47 12.70
C TRP C 212 -7.96 -7.66 12.68
N ILE C 213 -7.47 -8.88 12.45
CA ILE C 213 -6.03 -9.09 12.44
C ILE C 213 -5.39 -8.43 11.21
N HIS C 214 -6.15 -8.27 10.13
CA HIS C 214 -5.62 -7.62 8.94
C HIS C 214 -5.47 -6.12 9.11
N CYS C 215 -6.05 -5.53 10.16
CA CYS C 215 -5.91 -4.10 10.38
C CYS C 215 -4.49 -3.73 10.76
N PHE C 216 -3.77 -4.62 11.44
CA PHE C 216 -2.43 -4.35 11.92
C PHE C 216 -1.35 -4.70 10.91
N GLU C 217 -1.68 -4.68 9.62
CA GLU C 217 -0.66 -4.87 8.59
C GLU C 217 0.30 -3.70 8.58
N GLY C 218 1.55 -3.99 8.21
CA GLY C 218 2.57 -2.97 8.11
C GLY C 218 3.27 -2.64 9.41
N VAL C 219 2.95 -3.34 10.51
CA VAL C 219 3.66 -3.11 11.75
C VAL C 219 5.10 -3.56 11.62
N THR C 220 6.00 -2.84 12.29
CA THR C 220 7.42 -3.18 12.20
C THR C 220 7.69 -4.57 12.75
N ALA C 221 7.08 -4.90 13.89
CA ALA C 221 7.28 -6.21 14.50
C ALA C 221 6.09 -6.50 15.41
N ILE C 222 5.99 -7.76 15.82
CA ILE C 222 4.95 -8.21 16.73
C ILE C 222 5.62 -8.69 18.02
N ILE C 223 5.20 -8.13 19.15
CA ILE C 223 5.75 -8.47 20.45
C ILE C 223 4.83 -9.53 21.05
N PHE C 224 5.24 -10.79 20.97
CA PHE C 224 4.49 -11.90 21.54
C PHE C 224 5.01 -12.21 22.93
N CYS C 225 4.11 -12.30 23.89
CA CYS C 225 4.46 -12.55 25.29
C CYS C 225 4.02 -13.95 25.67
N VAL C 226 4.95 -14.75 26.20
CA VAL C 226 4.68 -16.11 26.64
C VAL C 226 5.16 -16.24 28.08
N ALA C 227 4.32 -16.79 28.94
CA ALA C 227 4.68 -17.02 30.33
C ALA C 227 5.37 -18.37 30.46
N LEU C 228 6.65 -18.35 30.85
CA LEU C 228 7.40 -19.59 31.02
C LEU C 228 6.79 -20.46 32.11
N SER C 229 6.33 -19.84 33.20
CA SER C 229 5.79 -20.59 34.33
C SER C 229 4.39 -21.13 34.06
N ALA C 230 3.76 -20.76 32.95
CA ALA C 230 2.41 -21.19 32.65
C ALA C 230 2.32 -22.58 32.05
N TYR C 231 3.46 -23.28 31.90
CA TYR C 231 3.43 -24.61 31.33
C TYR C 231 2.65 -25.59 32.22
N ASP C 232 2.84 -25.50 33.53
CA ASP C 232 2.13 -26.37 34.48
C ASP C 232 0.85 -25.73 34.99
N LEU C 233 0.01 -25.26 34.07
CA LEU C 233 -1.27 -24.65 34.42
C LEU C 233 -2.34 -25.17 33.48
N VAL C 234 -3.60 -24.98 33.87
CA VAL C 234 -4.76 -25.44 33.12
C VAL C 234 -5.66 -24.25 32.86
N LEU C 235 -6.10 -24.09 31.62
CA LEU C 235 -7.01 -23.01 31.26
C LEU C 235 -8.34 -23.17 31.97
N ALA C 236 -8.90 -22.04 32.41
CA ALA C 236 -10.21 -22.07 33.07
C ALA C 236 -11.33 -22.32 32.06
N GLU C 237 -11.18 -21.84 30.83
CA GLU C 237 -12.22 -22.05 29.83
C GLU C 237 -12.37 -23.52 29.47
N ASP C 238 -11.25 -24.23 29.30
CA ASP C 238 -11.26 -25.65 28.95
C ASP C 238 -10.20 -26.37 29.78
N GLU C 239 -10.61 -27.44 30.45
CA GLU C 239 -9.67 -28.20 31.26
C GLU C 239 -8.73 -29.05 30.42
N GLU C 240 -9.17 -29.51 29.25
CA GLU C 240 -8.34 -30.35 28.42
C GLU C 240 -7.26 -29.55 27.70
N MET C 241 -7.47 -28.26 27.47
CA MET C 241 -6.55 -27.43 26.72
C MET C 241 -5.59 -26.74 27.70
N ASN C 242 -4.29 -26.96 27.51
CA ASN C 242 -3.29 -26.37 28.39
C ASN C 242 -3.18 -24.87 28.14
N ARG C 243 -2.80 -24.13 29.19
CA ARG C 243 -2.63 -22.70 29.06
C ARG C 243 -1.48 -22.35 28.12
N MET C 244 -0.35 -23.04 28.27
CA MET C 244 0.80 -22.74 27.42
C MET C 244 0.63 -23.31 26.01
N HIS C 245 -0.06 -24.45 25.89
CA HIS C 245 -0.34 -25.00 24.56
C HIS C 245 -1.20 -24.05 23.74
N ALA C 246 -2.12 -23.33 24.40
CA ALA C 246 -2.89 -22.32 23.69
C ALA C 246 -2.02 -21.16 23.24
N SER C 247 -0.97 -20.82 24.01
CA SER C 247 -0.06 -19.77 23.59
C SER C 247 0.66 -20.14 22.30
N MET C 248 1.11 -21.38 22.18
CA MET C 248 1.72 -21.84 20.93
C MET C 248 0.70 -21.86 19.81
N LYS C 249 -0.52 -22.29 20.09
CA LYS C 249 -1.57 -22.26 19.08
C LYS C 249 -1.86 -20.83 18.64
N LEU C 250 -1.92 -19.91 19.59
CA LEU C 250 -2.06 -18.49 19.24
C LEU C 250 -0.81 -17.99 18.52
N PHE C 251 0.38 -18.44 18.95
CA PHE C 251 1.60 -18.06 18.27
C PHE C 251 1.65 -18.61 16.84
N ASP C 252 1.17 -19.83 16.65
CA ASP C 252 1.17 -20.43 15.32
C ASP C 252 0.26 -19.70 14.36
N SER C 253 -0.88 -19.20 14.85
CA SER C 253 -1.83 -18.53 13.97
C SER C 253 -1.27 -17.21 13.45
N ILE C 254 -0.59 -16.44 14.29
CA ILE C 254 -0.09 -15.13 13.89
C ILE C 254 1.11 -15.22 12.95
N CYS C 255 1.70 -16.39 12.80
CA CYS C 255 2.82 -16.58 11.87
C CYS C 255 2.41 -17.24 10.56
N ASN C 256 1.43 -18.15 10.59
CA ASN C 256 0.99 -18.83 9.38
C ASN C 256 -0.07 -18.04 8.61
N ASN C 257 -0.62 -16.99 9.18
CA ASN C 257 -1.63 -16.21 8.48
C ASN C 257 -1.00 -15.40 7.36
N LYS C 258 -1.79 -15.12 6.33
CA LYS C 258 -1.30 -14.42 5.15
C LYS C 258 -1.15 -12.92 5.37
N TRP C 259 -1.67 -12.38 6.48
CA TRP C 259 -1.56 -10.95 6.72
C TRP C 259 -0.24 -10.55 7.37
N PHE C 260 0.53 -11.52 7.87
CA PHE C 260 1.81 -11.26 8.53
C PHE C 260 2.90 -12.13 7.93
N THR C 261 2.98 -12.15 6.60
CA THR C 261 3.98 -12.98 5.94
C THR C 261 5.40 -12.49 6.22
N ASP C 262 5.62 -11.18 6.14
CA ASP C 262 6.94 -10.61 6.31
C ASP C 262 7.10 -9.85 7.63
N THR C 263 6.16 -9.99 8.55
CA THR C 263 6.21 -9.30 9.83
C THR C 263 6.93 -10.16 10.85
N SER C 264 8.05 -9.67 11.35
CA SER C 264 8.82 -10.40 12.35
C SER C 264 8.11 -10.38 13.70
N ILE C 265 8.44 -11.35 14.55
CA ILE C 265 7.88 -11.47 15.88
C ILE C 265 9.01 -11.32 16.89
N ILE C 266 8.87 -10.33 17.78
CA ILE C 266 9.80 -10.18 18.90
C ILE C 266 9.22 -10.99 20.05
N LEU C 267 9.53 -12.29 20.05
CA LEU C 267 9.01 -13.17 21.09
C LEU C 267 9.59 -12.80 22.44
N PHE C 268 8.73 -12.75 23.45
CA PHE C 268 9.13 -12.43 24.81
C PHE C 268 8.70 -13.55 25.74
N LEU C 269 9.63 -14.03 26.56
CA LEU C 269 9.36 -15.05 27.56
C LEU C 269 9.35 -14.39 28.93
N ASN C 270 8.23 -14.46 29.63
CA ASN C 270 8.02 -13.77 30.89
C ASN C 270 8.06 -14.74 32.06
N LYS C 271 8.18 -14.16 33.26
CA LYS C 271 8.16 -14.92 34.52
C LYS C 271 9.25 -15.99 34.53
N LYS C 272 10.45 -15.63 34.05
CA LYS C 272 11.55 -16.58 34.08
C LYS C 272 12.04 -16.83 35.51
N ASP C 273 11.93 -15.82 36.38
CA ASP C 273 12.30 -16.03 37.79
C ASP C 273 11.34 -17.00 38.47
N LEU C 274 10.04 -16.85 38.21
CA LEU C 274 9.07 -17.79 38.76
C LEU C 274 9.17 -19.15 38.08
N PHE C 275 9.55 -19.18 36.80
CA PHE C 275 9.76 -20.45 36.11
C PHE C 275 10.95 -21.21 36.69
N GLU C 276 11.99 -20.48 37.11
CA GLU C 276 13.17 -21.14 37.64
C GLU C 276 12.88 -21.86 38.95
N GLU C 277 12.05 -21.27 39.81
CA GLU C 277 11.77 -21.90 41.10
C GLU C 277 10.85 -23.10 40.96
N LYS C 278 9.92 -23.06 40.00
CA LYS C 278 8.96 -24.14 39.83
C LYS C 278 9.45 -25.26 38.91
N ILE C 279 10.52 -25.04 38.14
CA ILE C 279 11.02 -26.09 37.28
C ILE C 279 11.63 -27.22 38.10
N THR C 280 12.17 -26.90 39.28
CA THR C 280 12.68 -27.94 40.16
C THR C 280 11.55 -28.66 40.88
N HIS C 281 10.51 -27.92 41.29
CA HIS C 281 9.39 -28.55 41.99
C HIS C 281 8.52 -29.35 41.04
N SER C 282 8.24 -28.79 39.86
CA SER C 282 7.42 -29.45 38.86
C SER C 282 8.17 -29.56 37.54
N PRO C 283 8.07 -30.69 36.85
CA PRO C 283 8.83 -30.87 35.61
C PRO C 283 8.08 -30.49 34.34
N LEU C 284 8.85 -30.41 33.25
CA LEU C 284 8.31 -30.03 31.95
C LEU C 284 7.63 -31.20 31.24
N THR C 285 7.83 -32.44 31.71
CA THR C 285 7.27 -33.59 31.02
C THR C 285 5.75 -33.57 30.99
N ILE C 286 5.12 -32.90 31.96
CA ILE C 286 3.66 -32.83 31.98
C ILE C 286 3.14 -32.05 30.78
N CYS C 287 3.79 -30.92 30.45
CA CYS C 287 3.37 -30.14 29.30
C CYS C 287 3.78 -30.83 28.00
N PHE C 288 5.02 -31.32 27.93
CA PHE C 288 5.54 -32.01 26.74
C PHE C 288 5.90 -33.44 27.10
N PRO C 289 5.07 -34.42 26.72
CA PRO C 289 5.45 -35.82 27.00
C PRO C 289 6.73 -36.25 26.31
N GLU C 290 7.03 -35.70 25.13
CA GLU C 290 8.23 -36.08 24.39
C GLU C 290 9.44 -35.21 24.80
N TYR C 291 9.75 -35.28 26.09
CA TYR C 291 10.86 -34.53 26.67
C TYR C 291 11.98 -35.48 27.05
N THR C 292 13.20 -35.14 26.64
CA THR C 292 14.34 -36.01 26.93
C THR C 292 14.62 -36.11 28.43
N GLY C 293 14.54 -34.99 29.14
CA GLY C 293 14.81 -34.94 30.56
C GLY C 293 15.69 -33.75 30.89
N ALA C 294 16.36 -33.85 32.04
CA ALA C 294 17.25 -32.80 32.53
C ALA C 294 16.49 -31.48 32.69
N ASN C 295 15.50 -31.50 33.60
CA ASN C 295 14.62 -30.36 33.79
C ASN C 295 15.31 -29.24 34.55
N LYS C 296 16.32 -28.63 33.95
CA LYS C 296 16.99 -27.47 34.51
C LYS C 296 16.56 -26.20 33.76
N TYR C 297 16.93 -25.06 34.32
CA TYR C 297 16.53 -23.78 33.74
C TYR C 297 17.09 -23.60 32.33
N ASP C 298 18.37 -23.96 32.13
CA ASP C 298 19.00 -23.74 30.84
C ASP C 298 18.47 -24.71 29.78
N GLU C 299 18.31 -25.99 30.14
CA GLU C 299 17.87 -26.97 29.15
C GLU C 299 16.40 -26.80 28.80
N ALA C 300 15.56 -26.53 29.81
CA ALA C 300 14.14 -26.35 29.53
C ALA C 300 13.89 -25.13 28.67
N ALA C 301 14.58 -24.02 28.96
CA ALA C 301 14.38 -22.79 28.18
C ALA C 301 14.74 -23.00 26.71
N SER C 302 15.81 -23.75 26.45
CA SER C 302 16.16 -24.06 25.07
C SER C 302 15.08 -24.90 24.40
N TYR C 303 14.56 -25.91 25.11
CA TYR C 303 13.48 -26.72 24.54
C TYR C 303 12.19 -25.93 24.43
N ILE C 304 11.90 -25.08 25.42
CA ILE C 304 10.73 -24.21 25.34
C ILE C 304 10.87 -23.25 24.17
N GLN C 305 12.05 -22.67 24.00
CA GLN C 305 12.28 -21.79 22.85
C GLN C 305 12.11 -22.54 21.54
N SER C 306 12.78 -23.70 21.42
CA SER C 306 12.88 -24.38 20.12
C SER C 306 11.52 -24.70 19.53
N LYS C 307 10.50 -24.88 20.37
CA LYS C 307 9.15 -25.11 19.86
C LYS C 307 8.65 -23.89 19.09
N PHE C 308 9.02 -22.69 19.54
CA PHE C 308 8.46 -21.47 18.94
C PHE C 308 9.05 -21.19 17.56
N GLU C 309 10.38 -21.31 17.41
CA GLU C 309 10.97 -21.10 16.08
C GLU C 309 10.54 -22.17 15.09
N ASP C 310 10.42 -23.42 15.57
CA ASP C 310 9.91 -24.48 14.70
C ASP C 310 8.46 -24.23 14.30
N LEU C 311 7.70 -23.53 15.14
CA LEU C 311 6.34 -23.17 14.78
C LEU C 311 6.31 -22.25 13.57
N ASN C 312 7.35 -21.44 13.39
CA ASN C 312 7.42 -20.49 12.28
C ASN C 312 7.81 -21.26 11.01
N LYS C 313 6.86 -21.39 10.08
CA LYS C 313 7.16 -22.06 8.82
C LYS C 313 8.04 -21.18 7.93
N ARG C 314 7.77 -19.86 7.91
CA ARG C 314 8.48 -18.94 7.03
C ARG C 314 9.77 -18.47 7.72
N LYS C 315 10.73 -19.38 7.82
CA LYS C 315 12.00 -19.07 8.46
C LYS C 315 12.77 -18.00 7.68
N ASP C 316 12.82 -18.14 6.36
CA ASP C 316 13.61 -17.20 5.56
C ASP C 316 12.94 -15.83 5.46
N THR C 317 11.61 -15.80 5.34
CA THR C 317 10.93 -14.53 5.15
C THR C 317 10.94 -13.68 6.41
N LYS C 318 10.74 -14.29 7.57
CA LYS C 318 10.61 -13.55 8.82
C LYS C 318 11.45 -14.23 9.90
N GLU C 319 11.95 -13.40 10.82
CA GLU C 319 12.83 -13.87 11.89
C GLU C 319 12.17 -13.62 13.24
N ILE C 320 12.38 -14.54 14.17
CA ILE C 320 11.83 -14.45 15.51
C ILE C 320 12.94 -14.02 16.46
N TYR C 321 12.77 -12.84 17.06
CA TYR C 321 13.70 -12.35 18.07
C TYR C 321 13.18 -12.75 19.44
N THR C 322 13.85 -13.70 20.08
CA THR C 322 13.41 -14.25 21.35
C THR C 322 14.27 -13.68 22.48
N HIS C 323 13.61 -13.21 23.53
CA HIS C 323 14.29 -12.65 24.69
C HIS C 323 13.53 -13.03 25.95
N PHE C 324 14.24 -13.02 27.08
CA PHE C 324 13.67 -13.30 28.38
C PHE C 324 13.48 -12.00 29.14
N THR C 325 12.29 -11.82 29.73
CA THR C 325 11.99 -10.59 30.45
C THR C 325 12.89 -10.44 31.67
N CYS C 326 13.52 -9.27 31.80
CA CYS C 326 14.41 -8.97 32.92
C CYS C 326 13.80 -7.87 33.78
N SER C 327 13.96 -8.01 35.09
CA SER C 327 13.44 -7.00 36.01
C SER C 327 14.18 -5.68 35.87
N THR C 328 15.44 -5.71 35.45
CA THR C 328 16.21 -4.49 35.30
C THR C 328 15.65 -3.63 34.16
N ASP C 329 15.61 -2.32 34.40
CA ASP C 329 15.10 -1.40 33.40
C ASP C 329 16.13 -1.20 32.29
N THR C 330 15.67 -0.62 31.18
CA THR C 330 16.45 -0.26 29.99
C THR C 330 16.93 -1.51 29.25
N LYS C 331 16.67 -2.71 29.77
CA LYS C 331 17.14 -3.94 29.16
C LYS C 331 16.14 -4.49 28.13
N ASN C 332 14.89 -4.67 28.53
CA ASN C 332 13.88 -5.21 27.61
C ASN C 332 13.60 -4.25 26.47
N VAL C 333 13.56 -2.95 26.76
CA VAL C 333 13.34 -1.97 25.69
C VAL C 333 14.54 -1.94 24.74
N GLN C 334 15.73 -2.24 25.24
CA GLN C 334 16.90 -2.30 24.38
C GLN C 334 16.78 -3.44 23.37
N PHE C 335 16.29 -4.60 23.82
CA PHE C 335 16.09 -5.71 22.89
C PHE C 335 15.05 -5.38 21.83
N VAL C 336 13.96 -4.72 22.24
CA VAL C 336 12.95 -4.29 21.27
C VAL C 336 13.55 -3.28 20.31
N PHE C 337 14.33 -2.33 20.82
CA PHE C 337 14.99 -1.36 19.96
C PHE C 337 15.97 -2.05 19.01
N ASP C 338 16.74 -3.01 19.53
CA ASP C 338 17.69 -3.74 18.68
C ASP C 338 16.97 -4.58 17.64
N ALA C 339 15.88 -5.25 18.04
CA ALA C 339 15.13 -6.06 17.09
C ALA C 339 14.44 -5.20 16.04
N VAL C 340 13.86 -4.06 16.47
CA VAL C 340 13.22 -3.15 15.52
C VAL C 340 14.26 -2.58 14.56
N THR C 341 15.44 -2.23 15.08
CA THR C 341 16.50 -1.69 14.23
C THR C 341 16.91 -2.71 13.17
N ASP C 342 17.01 -3.98 13.56
CA ASP C 342 17.32 -5.02 12.58
C ASP C 342 16.21 -5.14 11.54
N VAL C 343 14.95 -5.05 11.97
CA VAL C 343 13.83 -5.13 11.04
C VAL C 343 13.83 -3.93 10.10
N ILE C 344 14.12 -2.73 10.64
CA ILE C 344 14.16 -1.54 9.81
C ILE C 344 15.23 -1.68 8.72
N ILE C 345 16.39 -2.23 9.08
CA ILE C 345 17.42 -2.50 8.09
C ILE C 345 16.92 -3.51 7.06
N LYS C 346 16.28 -4.58 7.53
CA LYS C 346 15.73 -5.57 6.61
C LYS C 346 14.63 -4.98 5.74
N ASN C 347 13.75 -4.17 6.33
CA ASN C 347 12.69 -3.54 5.55
C ASN C 347 13.26 -2.57 4.53
N ASN C 348 14.29 -1.81 4.91
CA ASN C 348 14.92 -0.89 3.97
C ASN C 348 15.61 -1.64 2.85
N LEU C 349 16.26 -2.77 3.16
CA LEU C 349 16.93 -3.56 2.14
C LEU C 349 15.93 -4.17 1.17
N LYS C 350 14.77 -4.61 1.68
CA LYS C 350 13.75 -5.15 0.79
C LYS C 350 13.24 -4.08 -0.18
N ASP C 351 12.98 -2.87 0.33
CA ASP C 351 12.55 -1.79 -0.55
C ASP C 351 13.65 -1.38 -1.52
N CYS C 352 14.91 -1.36 -1.04
CA CYS C 352 16.03 -1.03 -1.91
C CYS C 352 16.22 -2.09 -2.98
N GLY C 353 16.04 -3.36 -2.63
CA GLY C 353 16.21 -4.46 -3.56
C GLY C 353 17.28 -5.46 -3.18
N LEU C 354 18.03 -5.24 -2.10
CA LEU C 354 19.06 -6.20 -1.70
C LEU C 354 18.45 -7.53 -1.29
N PHE C 355 17.37 -7.51 -0.53
CA PHE C 355 16.70 -8.73 -0.08
C PHE C 355 15.65 -9.18 -1.09
N LEU D 18 -38.41 -27.77 26.29
CA LEU D 18 -37.95 -26.42 25.94
C LEU D 18 -36.98 -26.46 24.76
N ARG D 19 -35.87 -27.18 24.95
CA ARG D 19 -34.88 -27.30 23.88
C ARG D 19 -35.45 -28.08 22.69
N GLN D 20 -36.22 -29.13 22.97
CA GLN D 20 -36.83 -29.91 21.90
C GLN D 20 -37.85 -29.08 21.13
N GLU D 21 -38.61 -28.24 21.83
CA GLU D 21 -39.59 -27.39 21.16
C GLU D 21 -38.91 -26.39 20.23
N ALA D 22 -37.79 -25.81 20.67
CA ALA D 22 -37.04 -24.89 19.81
C ALA D 22 -36.50 -25.61 18.59
N GLU D 23 -35.99 -26.83 18.76
CA GLU D 23 -35.51 -27.60 17.62
C GLU D 23 -36.66 -27.97 16.69
N GLN D 24 -37.81 -28.35 17.26
CA GLN D 24 -38.97 -28.67 16.44
C GLN D 24 -39.49 -27.43 15.71
N LEU D 25 -39.43 -26.26 16.37
CA LEU D 25 -39.87 -25.03 15.73
C LEU D 25 -38.99 -24.68 14.53
N LYS D 26 -37.67 -24.89 14.67
CA LYS D 26 -36.77 -24.62 13.55
C LYS D 26 -37.08 -25.51 12.36
N ASN D 27 -37.40 -26.77 12.60
CA ASN D 27 -37.81 -27.66 11.52
C ASN D 27 -39.14 -27.21 10.91
N GLN D 28 -40.05 -26.69 11.74
CA GLN D 28 -41.32 -26.19 11.22
C GLN D 28 -41.11 -25.00 10.30
N ILE D 29 -40.21 -24.09 10.66
CA ILE D 29 -39.89 -22.96 9.79
C ILE D 29 -39.26 -23.46 8.49
N ARG D 30 -38.35 -24.42 8.59
CA ARG D 30 -37.71 -24.97 7.39
C ARG D 30 -38.74 -25.64 6.49
N ASP D 31 -39.72 -26.32 7.07
CA ASP D 31 -40.81 -26.90 6.29
C ASP D 31 -41.63 -25.84 5.59
N ALA D 32 -41.84 -24.70 6.25
CA ALA D 32 -42.58 -23.60 5.62
C ALA D 32 -41.83 -23.02 4.43
N ARG D 33 -40.50 -23.08 4.46
CA ARG D 33 -39.71 -22.59 3.33
C ARG D 33 -39.98 -23.40 2.07
N LYS D 34 -40.08 -24.73 2.22
CA LYS D 34 -40.34 -25.58 1.06
C LYS D 34 -41.74 -25.33 0.49
N ALA D 35 -42.71 -25.06 1.35
CA ALA D 35 -44.07 -24.79 0.89
C ALA D 35 -44.12 -23.52 0.05
N CYS D 36 -43.42 -22.47 0.49
CA CYS D 36 -43.39 -21.22 -0.26
C CYS D 36 -42.51 -21.31 -1.50
N ALA D 37 -41.57 -22.25 -1.54
CA ALA D 37 -40.64 -22.39 -2.66
C ALA D 37 -41.35 -23.10 -3.82
N ASP D 38 -42.33 -22.41 -4.39
CA ASP D 38 -43.04 -22.95 -5.54
C ASP D 38 -42.18 -22.90 -6.80
N ALA D 39 -41.47 -21.79 -7.01
CA ALA D 39 -40.60 -21.64 -8.16
C ALA D 39 -39.51 -20.62 -7.84
N THR D 40 -38.31 -20.87 -8.34
CA THR D 40 -37.21 -19.95 -8.10
C THR D 40 -37.37 -18.69 -8.94
N LEU D 41 -36.69 -17.63 -8.52
CA LEU D 41 -36.75 -16.37 -9.26
C LEU D 41 -36.13 -16.51 -10.64
N SER D 42 -35.02 -17.25 -10.75
CA SER D 42 -34.33 -17.37 -12.04
C SER D 42 -35.22 -17.99 -13.11
N GLN D 43 -36.00 -19.01 -12.73
CA GLN D 43 -36.92 -19.62 -13.69
C GLN D 43 -38.01 -18.63 -14.10
N ILE D 44 -38.51 -17.82 -13.16
CA ILE D 44 -39.57 -16.88 -13.46
C ILE D 44 -39.04 -15.73 -14.31
N THR D 45 -37.86 -15.22 -13.99
CA THR D 45 -37.32 -14.04 -14.65
C THR D 45 -36.59 -14.37 -15.95
N ASN D 46 -36.68 -15.60 -16.44
CA ASN D 46 -36.02 -15.96 -17.69
C ASN D 46 -36.63 -15.23 -18.88
N ASN D 47 -37.88 -14.75 -18.74
CA ASN D 47 -38.55 -14.11 -19.87
C ASN D 47 -37.96 -12.73 -20.18
N ILE D 48 -37.54 -11.98 -19.17
CA ILE D 48 -37.04 -10.63 -19.39
C ILE D 48 -35.69 -10.68 -20.10
N ASP D 49 -35.43 -9.66 -20.91
CA ASP D 49 -34.18 -9.62 -21.67
C ASP D 49 -33.01 -9.29 -20.74
N PRO D 50 -31.90 -10.02 -20.83
CA PRO D 50 -30.71 -9.67 -20.04
C PRO D 50 -30.27 -8.25 -20.31
N VAL D 51 -29.77 -7.59 -19.26
CA VAL D 51 -29.29 -6.22 -19.39
C VAL D 51 -28.07 -6.15 -20.30
N GLY D 52 -27.22 -7.17 -20.26
CA GLY D 52 -26.05 -7.23 -21.11
C GLY D 52 -24.80 -6.72 -20.43
N ARG D 53 -23.78 -6.50 -21.26
CA ARG D 53 -22.48 -6.03 -20.78
C ARG D 53 -22.47 -4.51 -20.76
N ILE D 54 -22.04 -3.93 -19.63
CA ILE D 54 -21.95 -2.49 -19.46
C ILE D 54 -20.48 -2.12 -19.30
N GLN D 55 -20.04 -1.15 -20.09
CA GLN D 55 -18.66 -0.66 -20.04
C GLN D 55 -18.59 0.48 -19.04
N MET D 56 -18.02 0.23 -17.88
CA MET D 56 -17.89 1.23 -16.82
C MET D 56 -16.42 1.59 -16.66
N ARG D 57 -16.13 2.89 -16.66
CA ARG D 57 -14.76 3.39 -16.54
C ARG D 57 -14.62 4.22 -15.27
N THR D 58 -13.38 4.35 -14.83
CA THR D 58 -13.06 5.15 -13.64
C THR D 58 -13.14 6.63 -14.02
N ARG D 59 -14.25 7.27 -13.66
CA ARG D 59 -14.42 8.68 -13.98
C ARG D 59 -13.47 9.55 -13.17
N ARG D 60 -13.42 9.33 -11.86
CA ARG D 60 -12.52 10.06 -10.98
C ARG D 60 -11.77 9.09 -10.08
N THR D 61 -10.53 9.45 -9.75
CA THR D 61 -9.70 8.69 -8.83
C THR D 61 -9.32 9.60 -7.68
N LEU D 62 -9.71 9.22 -6.46
CA LEU D 62 -9.44 10.02 -5.27
C LEU D 62 -8.14 9.51 -4.64
N ARG D 63 -7.10 10.34 -4.71
CA ARG D 63 -5.76 9.96 -4.24
C ARG D 63 -5.34 10.97 -3.16
N GLY D 64 -5.78 10.72 -1.93
CA GLY D 64 -5.37 11.55 -0.81
C GLY D 64 -5.05 10.77 0.44
N HIS D 65 -5.27 9.46 0.40
CA HIS D 65 -5.05 8.60 1.55
C HIS D 65 -3.67 7.96 1.47
N LEU D 66 -3.12 7.64 2.64
CA LEU D 66 -1.81 7.01 2.74
C LEU D 66 -1.89 5.66 3.46
N ALA D 67 -3.09 5.10 3.60
CA ALA D 67 -3.27 3.80 4.22
C ALA D 67 -4.50 3.15 3.61
N LYS D 68 -4.69 1.87 3.94
CA LYS D 68 -5.81 1.12 3.38
C LYS D 68 -7.14 1.70 3.85
N ILE D 69 -8.13 1.65 2.96
CA ILE D 69 -9.45 2.22 3.20
C ILE D 69 -10.42 1.08 3.49
N TYR D 70 -11.18 1.20 4.57
CA TYR D 70 -12.09 0.15 5.01
C TYR D 70 -13.55 0.43 4.67
N ALA D 71 -14.03 1.64 4.91
CA ALA D 71 -15.44 1.95 4.67
C ALA D 71 -15.58 3.33 4.03
N MET D 72 -16.66 3.49 3.29
CA MET D 72 -17.04 4.77 2.72
C MET D 72 -18.56 4.86 2.67
N HIS D 73 -19.06 6.10 2.64
CA HIS D 73 -20.49 6.33 2.56
C HIS D 73 -20.77 7.47 1.61
N TRP D 74 -21.76 7.29 0.73
CA TRP D 74 -22.15 8.33 -0.19
C TRP D 74 -23.11 9.32 0.47
N GLY D 75 -23.07 10.56 0.00
CA GLY D 75 -23.97 11.57 0.51
C GLY D 75 -25.31 11.58 -0.18
N THR D 76 -26.25 12.30 0.44
CA THR D 76 -27.57 12.46 -0.16
C THR D 76 -27.55 13.43 -1.34
N ASP D 77 -26.57 14.33 -1.39
CA ASP D 77 -26.42 15.26 -2.50
C ASP D 77 -25.64 14.67 -3.67
N SER D 78 -25.18 13.42 -3.55
CA SER D 78 -24.51 12.68 -4.61
C SER D 78 -23.21 13.34 -5.05
N ARG D 79 -22.63 14.19 -4.21
CA ARG D 79 -21.34 14.81 -4.51
C ARG D 79 -20.34 14.75 -3.37
N LEU D 80 -20.78 14.56 -2.13
CA LEU D 80 -19.89 14.48 -0.98
C LEU D 80 -19.90 13.06 -0.44
N LEU D 81 -18.71 12.47 -0.31
CA LEU D 81 -18.56 11.14 0.25
C LEU D 81 -17.44 11.16 1.28
N VAL D 82 -17.62 10.38 2.34
CA VAL D 82 -16.63 10.28 3.41
C VAL D 82 -15.96 8.91 3.32
N SER D 83 -14.65 8.89 3.50
CA SER D 83 -13.87 7.67 3.44
C SER D 83 -13.06 7.51 4.72
N ALA D 84 -12.99 6.28 5.22
CA ALA D 84 -12.26 5.96 6.44
C ALA D 84 -11.06 5.11 6.08
N SER D 85 -9.89 5.53 6.57
CA SER D 85 -8.64 4.82 6.31
C SER D 85 -7.90 4.61 7.62
N GLN D 86 -6.87 3.77 7.56
CA GLN D 86 -6.09 3.41 8.74
C GLN D 86 -5.04 4.45 9.08
N ASP D 87 -4.88 5.48 8.26
CA ASP D 87 -3.92 6.55 8.57
C ASP D 87 -4.40 7.46 9.68
N GLY D 88 -5.66 7.33 10.12
CA GLY D 88 -6.18 8.18 11.17
C GLY D 88 -6.84 9.46 10.70
N LYS D 89 -7.17 9.55 9.41
CA LYS D 89 -7.79 10.75 8.86
C LYS D 89 -9.11 10.37 8.19
N LEU D 90 -10.17 11.11 8.54
CA LEU D 90 -11.48 10.94 7.93
C LEU D 90 -11.67 12.08 6.92
N ILE D 91 -11.66 11.72 5.64
CA ILE D 91 -11.67 12.69 4.56
C ILE D 91 -13.04 12.69 3.88
N ILE D 92 -13.63 13.87 3.75
CA ILE D 92 -14.86 14.05 2.98
C ILE D 92 -14.46 14.55 1.61
N TRP D 93 -14.83 13.78 0.58
CA TRP D 93 -14.41 14.05 -0.79
C TRP D 93 -15.55 14.68 -1.59
N ASP D 94 -15.22 15.70 -2.37
CA ASP D 94 -16.15 16.26 -3.34
C ASP D 94 -15.94 15.53 -4.66
N SER D 95 -16.78 14.54 -4.93
CA SER D 95 -16.57 13.66 -6.07
C SER D 95 -16.72 14.40 -7.40
N TYR D 96 -17.49 15.48 -7.43
CA TYR D 96 -17.68 16.21 -8.68
C TYR D 96 -16.39 16.85 -9.17
N THR D 97 -15.62 17.46 -8.27
CA THR D 97 -14.42 18.18 -8.63
C THR D 97 -13.15 17.52 -8.10
N THR D 98 -13.26 16.35 -7.47
CA THR D 98 -12.15 15.64 -6.85
C THR D 98 -11.41 16.57 -5.88
N ASN D 99 -12.13 16.97 -4.83
CA ASN D 99 -11.62 17.88 -3.82
C ASN D 99 -11.99 17.37 -2.44
N LYS D 100 -11.19 17.78 -1.46
CA LYS D 100 -11.39 17.37 -0.06
C LYS D 100 -12.03 18.52 0.70
N VAL D 101 -13.30 18.33 1.08
CA VAL D 101 -14.00 19.36 1.84
C VAL D 101 -13.45 19.45 3.26
N HIS D 102 -13.23 18.30 3.90
CA HIS D 102 -12.76 18.29 5.28
C HIS D 102 -11.86 17.08 5.50
N ALA D 103 -10.83 17.26 6.31
CA ALA D 103 -9.97 16.18 6.77
C ALA D 103 -10.07 16.11 8.29
N ILE D 104 -10.56 14.99 8.81
CA ILE D 104 -10.86 14.84 10.22
C ILE D 104 -9.82 13.92 10.84
N PRO D 105 -8.90 14.43 11.66
CA PRO D 105 -8.03 13.55 12.43
C PRO D 105 -8.84 12.74 13.43
N LEU D 106 -8.41 11.50 13.65
CA LEU D 106 -9.09 10.59 14.56
C LEU D 106 -8.20 10.26 15.74
N ARG D 107 -8.83 10.08 16.91
CA ARG D 107 -8.08 9.69 18.09
C ARG D 107 -7.43 8.32 17.92
N SER D 108 -8.18 7.38 17.34
CA SER D 108 -7.67 6.04 17.03
C SER D 108 -7.65 5.86 15.53
N SER D 109 -6.50 5.51 14.98
CA SER D 109 -6.37 5.28 13.54
C SER D 109 -7.02 3.98 13.10
N TRP D 110 -7.35 3.08 14.02
CA TRP D 110 -7.95 1.79 13.69
C TRP D 110 -9.47 1.97 13.63
N VAL D 111 -9.98 2.28 12.44
CA VAL D 111 -11.40 2.46 12.21
C VAL D 111 -11.84 1.48 11.12
N MET D 112 -12.96 0.80 11.37
CA MET D 112 -13.50 -0.15 10.41
C MET D 112 -14.65 0.39 9.59
N THR D 113 -15.41 1.35 10.14
CA THR D 113 -16.60 1.84 9.48
C THR D 113 -16.65 3.36 9.55
N CYS D 114 -17.41 3.95 8.63
CA CYS D 114 -17.70 5.38 8.66
C CYS D 114 -19.10 5.59 8.10
N ALA D 115 -19.76 6.64 8.58
CA ALA D 115 -21.12 6.94 8.18
C ALA D 115 -21.24 8.43 7.87
N TYR D 116 -22.21 8.75 7.02
CA TYR D 116 -22.48 10.12 6.63
C TYR D 116 -23.97 10.38 6.84
N ALA D 117 -24.29 11.44 7.59
CA ALA D 117 -25.67 11.72 7.92
C ALA D 117 -26.46 12.11 6.66
N PRO D 118 -27.74 11.75 6.60
CA PRO D 118 -28.55 12.17 5.44
C PRO D 118 -28.62 13.67 5.26
N SER D 119 -28.64 14.44 6.35
CA SER D 119 -28.61 15.89 6.23
C SER D 119 -27.24 16.39 5.82
N GLY D 120 -26.18 15.65 6.16
CA GLY D 120 -24.82 16.02 5.83
C GLY D 120 -24.08 16.80 6.90
N ASN D 121 -24.70 17.02 8.06
CA ASN D 121 -24.07 17.78 9.13
C ASN D 121 -23.30 16.92 10.11
N TYR D 122 -23.38 15.59 9.99
CA TYR D 122 -22.73 14.70 10.95
C TYR D 122 -22.05 13.56 10.20
N VAL D 123 -20.88 13.17 10.69
CA VAL D 123 -20.14 12.02 10.18
C VAL D 123 -19.65 11.22 11.37
N ALA D 124 -19.87 9.90 11.33
CA ALA D 124 -19.51 9.01 12.43
C ALA D 124 -18.60 7.90 11.92
N CYS D 125 -17.61 7.54 12.72
CA CYS D 125 -16.73 6.42 12.41
C CYS D 125 -16.46 5.63 13.68
N GLY D 126 -16.07 4.38 13.49
CA GLY D 126 -15.77 3.50 14.62
C GLY D 126 -14.83 2.40 14.19
N GLY D 127 -14.32 1.69 15.19
CA GLY D 127 -13.39 0.60 14.93
C GLY D 127 -12.95 -0.15 16.17
N LEU D 128 -11.65 -0.44 16.26
CA LEU D 128 -11.11 -1.20 17.38
C LEU D 128 -11.12 -0.42 18.68
N ASP D 129 -11.38 0.89 18.64
CA ASP D 129 -11.39 1.72 19.83
C ASP D 129 -12.67 1.57 20.65
N ASN D 130 -13.64 0.79 20.17
CA ASN D 130 -14.92 0.55 20.86
C ASN D 130 -15.72 1.83 21.05
N ILE D 131 -15.41 2.88 20.29
CA ILE D 131 -16.07 4.18 20.42
C ILE D 131 -16.50 4.64 19.04
N CYS D 132 -17.78 4.99 18.91
CA CYS D 132 -18.31 5.58 17.68
C CYS D 132 -18.36 7.09 17.86
N SER D 133 -17.46 7.79 17.18
CA SER D 133 -17.31 9.23 17.34
C SER D 133 -18.04 9.96 16.22
N ILE D 134 -18.90 10.90 16.59
CA ILE D 134 -19.67 11.70 15.65
C ILE D 134 -19.05 13.09 15.57
N TYR D 135 -18.74 13.54 14.36
CA TYR D 135 -18.12 14.84 14.13
C TYR D 135 -19.08 15.74 13.37
N ASN D 136 -19.18 16.99 13.81
CA ASN D 136 -20.07 17.97 13.18
C ASN D 136 -19.31 18.70 12.08
N LEU D 137 -19.85 18.67 10.87
CA LEU D 137 -19.25 19.36 9.74
C LEU D 137 -19.75 20.79 9.57
N LYS D 138 -20.70 21.22 10.40
CA LYS D 138 -21.27 22.55 10.32
C LYS D 138 -20.88 23.41 11.52
N THR D 139 -19.64 23.27 11.98
CA THR D 139 -19.15 24.06 13.10
C THR D 139 -19.03 25.52 12.71
N ARG D 140 -19.46 26.41 13.62
CA ARG D 140 -19.40 27.84 13.35
C ARG D 140 -17.96 28.35 13.34
N GLU D 141 -17.09 27.76 14.17
CA GLU D 141 -15.71 28.22 14.24
C GLU D 141 -14.98 27.96 12.92
N GLY D 142 -15.24 26.83 12.28
CA GLY D 142 -14.59 26.46 11.04
C GLY D 142 -13.70 25.24 11.13
N ASN D 143 -13.54 24.64 12.31
CA ASN D 143 -12.75 23.43 12.48
C ASN D 143 -13.66 22.28 12.89
N VAL D 144 -13.43 21.11 12.31
CA VAL D 144 -14.25 19.95 12.61
C VAL D 144 -13.79 19.34 13.93
N ARG D 145 -14.73 19.11 14.84
CA ARG D 145 -14.44 18.52 16.14
C ARG D 145 -15.49 17.46 16.45
N VAL D 146 -15.11 16.50 17.29
CA VAL D 146 -16.02 15.43 17.66
C VAL D 146 -17.15 15.97 18.51
N SER D 147 -18.38 15.58 18.20
CA SER D 147 -19.55 16.02 18.94
C SER D 147 -19.87 15.07 20.09
N ARG D 148 -20.08 13.79 19.78
CA ARG D 148 -20.39 12.78 20.78
C ARG D 148 -19.53 11.56 20.54
N GLU D 149 -19.22 10.85 21.64
CA GLU D 149 -18.45 9.61 21.59
C GLU D 149 -19.30 8.50 22.20
N LEU D 150 -19.78 7.58 21.36
CA LEU D 150 -20.66 6.52 21.82
C LEU D 150 -19.82 5.40 22.43
N ALA D 151 -20.03 5.15 23.73
CA ALA D 151 -19.32 4.11 24.45
C ALA D 151 -20.32 3.14 25.06
N GLY D 152 -19.94 1.87 25.11
CA GLY D 152 -20.81 0.84 25.63
C GLY D 152 -20.72 -0.46 24.86
N HIS D 153 -19.91 -0.46 23.80
CA HIS D 153 -19.70 -1.65 22.98
C HIS D 153 -18.42 -2.35 23.43
N THR D 154 -18.53 -3.64 23.67
CA THR D 154 -17.37 -4.46 24.06
C THR D 154 -16.67 -5.08 22.85
N GLY D 155 -17.19 -4.86 21.64
CA GLY D 155 -16.57 -5.37 20.43
C GLY D 155 -16.28 -4.24 19.46
N TYR D 156 -15.47 -4.55 18.45
CA TYR D 156 -15.09 -3.55 17.46
C TYR D 156 -16.30 -3.09 16.67
N LEU D 157 -16.33 -1.79 16.36
CA LEU D 157 -17.42 -1.22 15.58
C LEU D 157 -17.23 -1.60 14.12
N SER D 158 -18.14 -2.42 13.60
CA SER D 158 -18.04 -2.94 12.24
C SER D 158 -18.83 -2.11 11.24
N CYS D 159 -20.00 -1.60 11.62
CA CYS D 159 -20.82 -0.79 10.72
C CYS D 159 -21.70 0.14 11.53
N CYS D 160 -21.90 1.35 11.02
CA CYS D 160 -22.78 2.33 11.64
C CYS D 160 -23.49 3.10 10.54
N ARG D 161 -24.78 3.35 10.73
CA ARG D 161 -25.59 4.10 9.79
C ARG D 161 -26.43 5.12 10.54
N PHE D 162 -26.65 6.27 9.89
CA PHE D 162 -27.42 7.37 10.48
C PHE D 162 -28.89 7.21 10.10
N LEU D 163 -29.74 6.95 11.09
CA LEU D 163 -31.18 7.03 10.85
C LEU D 163 -31.60 8.46 10.55
N ASP D 164 -31.07 9.42 11.30
CA ASP D 164 -31.33 10.84 11.11
C ASP D 164 -30.23 11.61 11.81
N ASP D 165 -30.43 12.92 11.97
CA ASP D 165 -29.43 13.74 12.65
C ASP D 165 -29.31 13.43 14.14
N ASN D 166 -30.25 12.67 14.71
CA ASN D 166 -30.24 12.37 16.14
C ASN D 166 -30.15 10.89 16.48
N GLN D 167 -30.52 10.00 15.58
CA GLN D 167 -30.51 8.56 15.85
C GLN D 167 -29.50 7.88 14.94
N ILE D 168 -28.67 7.02 15.53
CA ILE D 168 -27.67 6.26 14.80
C ILE D 168 -27.65 4.84 15.35
N VAL D 169 -27.57 3.87 14.44
CA VAL D 169 -27.46 2.45 14.81
C VAL D 169 -26.05 2.00 14.48
N THR D 170 -25.41 1.30 15.41
CA THR D 170 -24.03 0.85 15.27
C THR D 170 -23.96 -0.66 15.45
N SER D 171 -23.18 -1.31 14.60
CA SER D 171 -22.94 -2.74 14.68
C SER D 171 -21.57 -2.98 15.31
N SER D 172 -21.54 -3.80 16.35
CA SER D 172 -20.33 -4.06 17.10
C SER D 172 -19.87 -5.50 16.90
N GLY D 173 -18.62 -5.76 17.29
CA GLY D 173 -18.03 -7.07 17.21
C GLY D 173 -18.33 -7.99 18.36
N ASP D 174 -19.18 -7.56 19.31
CA ASP D 174 -19.58 -8.38 20.44
C ASP D 174 -20.91 -9.10 20.20
N THR D 175 -21.20 -9.44 18.94
CA THR D 175 -22.42 -10.12 18.53
C THR D 175 -23.68 -9.34 18.91
N THR D 176 -23.55 -8.02 19.07
CA THR D 176 -24.66 -7.18 19.51
C THR D 176 -24.72 -5.92 18.65
N CYS D 177 -25.92 -5.54 18.26
CA CYS D 177 -26.19 -4.29 17.55
C CYS D 177 -27.00 -3.38 18.44
N ALA D 178 -26.70 -2.08 18.41
CA ALA D 178 -27.32 -1.11 19.29
C ALA D 178 -27.75 0.13 18.52
N LEU D 179 -28.84 0.73 18.98
CA LEU D 179 -29.32 2.00 18.45
C LEU D 179 -28.99 3.11 19.45
N TRP D 180 -28.32 4.16 18.97
CA TRP D 180 -27.81 5.22 19.83
C TRP D 180 -28.54 6.52 19.56
N ASP D 181 -28.56 7.38 20.58
CA ASP D 181 -29.12 8.73 20.48
C ASP D 181 -28.00 9.74 20.65
N ILE D 182 -27.91 10.67 19.70
CA ILE D 182 -26.82 11.65 19.72
C ILE D 182 -26.94 12.57 20.92
N GLU D 183 -28.15 13.11 21.16
CA GLU D 183 -28.34 14.03 22.28
C GLU D 183 -28.27 13.32 23.62
N THR D 184 -28.90 12.14 23.71
CA THR D 184 -28.92 11.41 24.98
C THR D 184 -27.52 10.94 25.37
N GLY D 185 -26.76 10.42 24.40
CA GLY D 185 -25.38 10.05 24.63
C GLY D 185 -25.13 8.57 24.87
N GLN D 186 -26.15 7.78 25.14
CA GLN D 186 -26.01 6.34 25.31
C GLN D 186 -27.05 5.61 24.47
N GLN D 187 -26.88 4.30 24.38
CA GLN D 187 -27.72 3.48 23.51
C GLN D 187 -29.16 3.48 23.99
N THR D 188 -30.09 3.62 23.04
CA THR D 188 -31.51 3.62 23.35
C THR D 188 -32.10 2.21 23.29
N THR D 189 -31.84 1.48 22.19
CA THR D 189 -32.34 0.13 21.99
C THR D 189 -31.17 -0.79 21.70
N THR D 190 -31.11 -1.93 22.38
CA THR D 190 -30.05 -2.90 22.20
C THR D 190 -30.64 -4.14 21.52
N PHE D 191 -30.05 -4.52 20.39
CA PHE D 191 -30.51 -5.67 19.61
C PHE D 191 -29.57 -6.85 19.86
N THR D 192 -30.12 -7.95 20.34
CA THR D 192 -29.35 -9.14 20.65
C THR D 192 -30.00 -10.35 20.00
N GLY D 193 -29.19 -11.37 19.75
CA GLY D 193 -29.66 -12.59 19.11
C GLY D 193 -28.66 -13.18 18.16
N HIS D 194 -27.70 -12.37 17.71
CA HIS D 194 -26.66 -12.85 16.81
C HIS D 194 -25.68 -13.74 17.57
N THR D 195 -25.31 -14.86 16.94
CA THR D 195 -24.32 -15.75 17.53
C THR D 195 -22.91 -15.30 17.20
N GLY D 196 -22.65 -14.93 15.94
CA GLY D 196 -21.36 -14.44 15.54
C GLY D 196 -21.25 -12.92 15.62
N ASP D 197 -20.04 -12.43 15.35
CA ASP D 197 -19.79 -10.99 15.43
C ASP D 197 -20.46 -10.29 14.26
N VAL D 198 -21.24 -9.25 14.56
CA VAL D 198 -21.95 -8.51 13.52
C VAL D 198 -20.94 -7.72 12.70
N MET D 199 -21.04 -7.82 11.38
CA MET D 199 -20.06 -7.24 10.48
C MET D 199 -20.59 -6.10 9.61
N SER D 200 -21.88 -6.13 9.24
CA SER D 200 -22.41 -5.13 8.34
C SER D 200 -23.81 -4.72 8.77
N LEU D 201 -24.21 -3.52 8.35
CA LEU D 201 -25.52 -2.97 8.61
C LEU D 201 -26.08 -2.36 7.34
N SER D 202 -27.41 -2.35 7.24
CA SER D 202 -28.09 -1.71 6.12
C SER D 202 -29.46 -1.22 6.59
N LEU D 203 -29.78 0.02 6.25
CA LEU D 203 -31.03 0.65 6.65
C LEU D 203 -31.98 0.71 5.45
N ALA D 204 -33.22 0.30 5.68
CA ALA D 204 -34.23 0.36 4.65
C ALA D 204 -34.58 1.83 4.35
N PRO D 205 -35.09 2.11 3.15
CA PRO D 205 -35.43 3.50 2.81
C PRO D 205 -36.43 4.14 3.77
N ASP D 206 -37.38 3.37 4.31
CA ASP D 206 -38.32 3.91 5.27
C ASP D 206 -37.74 4.04 6.67
N THR D 207 -36.54 3.50 6.90
CA THR D 207 -35.77 3.67 8.14
C THR D 207 -36.42 2.88 9.28
N ARG D 208 -37.60 2.31 9.03
CA ARG D 208 -38.31 1.56 10.07
C ARG D 208 -37.62 0.25 10.39
N LEU D 209 -36.98 -0.38 9.40
CA LEU D 209 -36.36 -1.68 9.58
C LEU D 209 -34.92 -1.63 9.10
N PHE D 210 -34.10 -2.54 9.65
CA PHE D 210 -32.73 -2.69 9.19
C PHE D 210 -32.31 -4.14 9.39
N VAL D 211 -31.29 -4.54 8.62
CA VAL D 211 -30.76 -5.90 8.68
C VAL D 211 -29.29 -5.84 9.05
N SER D 212 -28.80 -6.94 9.62
CA SER D 212 -27.42 -7.04 10.05
C SER D 212 -26.88 -8.42 9.70
N GLY D 213 -25.63 -8.45 9.22
CA GLY D 213 -24.94 -9.69 8.90
C GLY D 213 -23.83 -9.94 9.90
N ALA D 214 -23.85 -11.13 10.50
CA ALA D 214 -22.91 -11.50 11.55
C ALA D 214 -22.01 -12.63 11.08
N CYS D 215 -21.18 -13.13 11.99
CA CYS D 215 -20.21 -14.17 11.70
C CYS D 215 -20.79 -15.58 11.81
N ASP D 216 -22.06 -15.71 12.19
CA ASP D 216 -22.69 -17.02 12.34
C ASP D 216 -23.36 -17.49 11.05
N ALA D 217 -22.95 -16.96 9.90
CA ALA D 217 -23.51 -17.34 8.61
C ALA D 217 -25.03 -17.15 8.57
N SER D 218 -25.49 -16.05 9.18
CA SER D 218 -26.91 -15.76 9.22
C SER D 218 -27.13 -14.25 9.31
N ALA D 219 -27.99 -13.73 8.47
CA ALA D 219 -28.39 -12.33 8.49
C ALA D 219 -29.87 -12.24 8.85
N LYS D 220 -30.20 -11.36 9.79
CA LYS D 220 -31.54 -11.29 10.33
C LYS D 220 -32.04 -9.86 10.34
N LEU D 221 -33.35 -9.71 10.24
CA LEU D 221 -34.00 -8.40 10.17
C LEU D 221 -34.34 -7.90 11.57
N TRP D 222 -34.15 -6.61 11.79
CA TRP D 222 -34.45 -5.97 13.06
C TRP D 222 -35.44 -4.82 12.86
N ASP D 223 -36.15 -4.48 13.93
CA ASP D 223 -37.09 -3.37 13.93
C ASP D 223 -36.55 -2.28 14.84
N VAL D 224 -36.53 -1.04 14.32
CA VAL D 224 -36.04 0.09 15.10
C VAL D 224 -36.95 0.35 16.29
N ARG D 225 -38.26 0.35 16.07
CA ARG D 225 -39.20 0.68 17.14
C ARG D 225 -39.43 -0.51 18.07
N GLU D 226 -39.76 -1.68 17.51
CA GLU D 226 -40.04 -2.83 18.35
C GLU D 226 -38.80 -3.32 19.08
N GLY D 227 -37.66 -3.31 18.41
CA GLY D 227 -36.40 -3.63 19.08
C GLY D 227 -36.09 -5.10 19.25
N MET D 228 -36.72 -5.98 18.49
CA MET D 228 -36.36 -7.40 18.49
C MET D 228 -36.33 -7.91 17.05
N CYS D 229 -35.91 -9.16 16.91
CA CYS D 229 -35.70 -9.78 15.60
C CYS D 229 -37.03 -10.20 15.01
N ARG D 230 -37.47 -9.51 13.96
CA ARG D 230 -38.70 -9.89 13.27
C ARG D 230 -38.52 -11.16 12.44
N GLN D 231 -37.42 -11.22 11.67
CA GLN D 231 -37.15 -12.37 10.81
C GLN D 231 -35.66 -12.70 10.85
N THR D 232 -35.35 -13.98 10.64
CA THR D 232 -33.98 -14.46 10.60
C THR D 232 -33.79 -15.30 9.36
N PHE D 233 -32.72 -15.02 8.61
CA PHE D 233 -32.43 -15.73 7.37
C PHE D 233 -31.14 -16.51 7.53
N THR D 234 -31.18 -17.80 7.16
CA THR D 234 -30.03 -18.70 7.26
C THR D 234 -29.83 -19.34 5.90
N GLY D 235 -29.04 -18.69 5.05
CA GLY D 235 -28.76 -19.21 3.72
C GLY D 235 -27.28 -19.26 3.40
N HIS D 236 -26.47 -18.58 4.21
CA HIS D 236 -25.03 -18.56 4.02
C HIS D 236 -24.37 -19.69 4.80
N GLU D 237 -23.15 -20.05 4.37
CA GLU D 237 -22.38 -21.10 5.02
C GLU D 237 -21.01 -20.61 5.48
N SER D 238 -20.76 -19.31 5.44
CA SER D 238 -19.47 -18.76 5.84
C SER D 238 -19.71 -17.40 6.50
N ASP D 239 -18.62 -16.66 6.71
CA ASP D 239 -18.68 -15.40 7.45
C ASP D 239 -19.29 -14.31 6.57
N ILE D 240 -20.42 -13.76 7.00
CA ILE D 240 -21.08 -12.68 6.27
C ILE D 240 -20.37 -11.37 6.60
N ASN D 241 -19.98 -10.64 5.56
CA ASN D 241 -19.26 -9.38 5.72
C ASN D 241 -19.98 -8.16 5.16
N ALA D 242 -20.98 -8.35 4.29
CA ALA D 242 -21.64 -7.22 3.65
C ALA D 242 -23.13 -7.48 3.56
N ILE D 243 -23.90 -6.40 3.51
CA ILE D 243 -25.35 -6.47 3.39
C ILE D 243 -25.85 -5.14 2.87
N CYS D 244 -26.96 -5.17 2.12
CA CYS D 244 -27.55 -3.95 1.60
C CYS D 244 -28.99 -4.23 1.19
N PHE D 245 -29.88 -3.31 1.55
CA PHE D 245 -31.30 -3.44 1.20
C PHE D 245 -31.51 -3.18 -0.30
N PHE D 246 -32.61 -3.73 -0.81
CA PHE D 246 -33.07 -3.39 -2.13
C PHE D 246 -33.58 -1.94 -2.13
N PRO D 247 -33.51 -1.24 -3.27
CA PRO D 247 -33.96 0.15 -3.29
C PRO D 247 -35.39 0.36 -2.83
N ASN D 248 -36.27 -0.62 -2.99
CA ASN D 248 -37.62 -0.51 -2.48
C ASN D 248 -37.78 -1.00 -1.05
N GLY D 249 -36.74 -1.61 -0.47
CA GLY D 249 -36.81 -2.14 0.86
C GLY D 249 -37.47 -3.49 1.00
N ASN D 250 -37.91 -4.09 -0.10
CA ASN D 250 -38.58 -5.38 -0.02
C ASN D 250 -37.61 -6.54 0.19
N ALA D 251 -36.40 -6.44 -0.34
CA ALA D 251 -35.41 -7.51 -0.26
C ALA D 251 -34.05 -6.92 0.11
N PHE D 252 -33.07 -7.80 0.27
CA PHE D 252 -31.70 -7.36 0.55
C PHE D 252 -30.74 -8.46 0.12
N ALA D 253 -29.49 -8.07 -0.11
CA ALA D 253 -28.44 -8.98 -0.55
C ALA D 253 -27.37 -9.10 0.52
N THR D 254 -26.85 -10.30 0.69
CA THR D 254 -25.83 -10.59 1.70
C THR D 254 -24.57 -11.09 1.02
N GLY D 255 -23.42 -10.51 1.38
CA GLY D 255 -22.15 -10.96 0.86
C GLY D 255 -21.28 -11.59 1.93
N SER D 256 -20.89 -12.85 1.73
CA SER D 256 -20.13 -13.60 2.73
C SER D 256 -18.76 -13.97 2.14
N ASP D 257 -18.02 -14.78 2.90
CA ASP D 257 -16.70 -15.24 2.49
C ASP D 257 -16.75 -16.51 1.65
N ASP D 258 -17.94 -17.05 1.39
CA ASP D 258 -18.09 -18.26 0.59
C ASP D 258 -18.23 -17.97 -0.90
N ALA D 259 -17.81 -16.78 -1.34
CA ALA D 259 -17.81 -16.38 -2.74
C ALA D 259 -19.20 -16.39 -3.37
N THR D 260 -20.25 -16.29 -2.55
CA THR D 260 -21.61 -16.26 -3.04
C THR D 260 -22.38 -15.12 -2.39
N CYS D 261 -23.31 -14.55 -3.14
CA CYS D 261 -24.20 -13.52 -2.65
C CYS D 261 -25.63 -14.05 -2.69
N ARG D 262 -26.35 -13.89 -1.58
CA ARG D 262 -27.71 -14.40 -1.45
C ARG D 262 -28.70 -13.26 -1.36
N LEU D 263 -29.83 -13.41 -2.04
CA LEU D 263 -30.91 -12.43 -2.01
C LEU D 263 -32.04 -12.97 -1.15
N PHE D 264 -32.38 -12.24 -0.10
CA PHE D 264 -33.44 -12.63 0.82
C PHE D 264 -34.59 -11.63 0.73
N ASP D 265 -35.82 -12.14 0.75
CA ASP D 265 -37.01 -11.31 0.65
C ASP D 265 -37.67 -11.19 2.02
N LEU D 266 -38.00 -9.95 2.40
CA LEU D 266 -38.62 -9.72 3.71
C LEU D 266 -40.00 -10.35 3.79
N ARG D 267 -40.84 -10.10 2.77
CA ARG D 267 -42.22 -10.60 2.79
C ARG D 267 -42.31 -12.09 2.52
N ALA D 268 -41.23 -12.72 2.03
CA ALA D 268 -41.23 -14.16 1.81
C ALA D 268 -40.42 -14.93 2.83
N ASP D 269 -39.46 -14.29 3.51
CA ASP D 269 -38.63 -14.91 4.53
C ASP D 269 -37.93 -16.15 3.98
N GLN D 270 -37.38 -16.02 2.78
CA GLN D 270 -36.71 -17.14 2.11
C GLN D 270 -35.69 -16.58 1.13
N GLU D 271 -34.59 -17.31 0.95
CA GLU D 271 -33.58 -16.94 -0.02
C GLU D 271 -34.16 -17.03 -1.43
N LEU D 272 -34.34 -15.87 -2.06
CA LEU D 272 -34.94 -15.85 -3.39
C LEU D 272 -34.04 -16.54 -4.42
N MET D 273 -32.75 -16.17 -4.42
CA MET D 273 -31.81 -16.66 -5.42
C MET D 273 -30.41 -16.29 -4.95
N THR D 274 -29.41 -16.87 -5.62
CA THR D 274 -28.02 -16.72 -5.23
C THR D 274 -27.17 -16.22 -6.39
N TYR D 275 -26.07 -15.57 -6.06
CA TYR D 275 -25.11 -15.06 -7.04
C TYR D 275 -23.81 -15.83 -6.83
N SER D 276 -23.59 -16.85 -7.66
CA SER D 276 -22.44 -17.73 -7.51
C SER D 276 -21.74 -17.92 -8.85
N HIS D 277 -20.41 -17.92 -8.81
CA HIS D 277 -19.59 -18.20 -9.97
C HIS D 277 -18.47 -19.13 -9.57
N ASP D 278 -18.16 -20.10 -10.44
CA ASP D 278 -17.18 -21.13 -10.09
C ASP D 278 -15.76 -20.58 -10.10
N ASN D 279 -15.45 -19.66 -11.02
CA ASN D 279 -14.07 -19.20 -11.16
C ASN D 279 -13.59 -18.43 -9.92
N ILE D 280 -14.47 -17.61 -9.34
CA ILE D 280 -14.10 -16.82 -8.17
C ILE D 280 -14.40 -17.62 -6.91
N ILE D 281 -13.41 -17.73 -6.03
CA ILE D 281 -13.54 -18.44 -4.77
C ILE D 281 -13.31 -17.54 -3.57
N CYS D 282 -13.08 -16.25 -3.78
CA CYS D 282 -12.80 -15.31 -2.71
C CYS D 282 -14.09 -14.68 -2.18
N GLY D 283 -14.01 -14.17 -0.95
CA GLY D 283 -15.18 -13.63 -0.29
C GLY D 283 -15.56 -12.24 -0.75
N ILE D 284 -16.74 -11.81 -0.30
CA ILE D 284 -17.28 -10.50 -0.62
C ILE D 284 -17.08 -9.57 0.57
N THR D 285 -16.49 -8.40 0.32
CA THR D 285 -16.27 -7.41 1.35
C THR D 285 -17.34 -6.33 1.39
N SER D 286 -17.91 -5.97 0.25
CA SER D 286 -18.93 -4.94 0.18
C SER D 286 -19.91 -5.28 -0.93
N VAL D 287 -21.14 -4.81 -0.77
CA VAL D 287 -22.19 -5.06 -1.75
C VAL D 287 -23.24 -3.96 -1.62
N SER D 288 -23.90 -3.65 -2.73
CA SER D 288 -25.00 -2.68 -2.73
C SER D 288 -25.85 -2.93 -3.98
N PHE D 289 -26.78 -2.01 -4.23
CA PHE D 289 -27.66 -2.08 -5.38
C PHE D 289 -27.59 -0.77 -6.16
N SER D 290 -28.04 -0.83 -7.40
CA SER D 290 -28.12 0.37 -8.24
C SER D 290 -29.39 1.15 -7.88
N LYS D 291 -29.72 2.16 -8.69
CA LYS D 291 -30.91 2.94 -8.44
C LYS D 291 -32.17 2.09 -8.56
N SER D 292 -32.25 1.26 -9.59
CA SER D 292 -33.42 0.41 -9.81
C SER D 292 -33.34 -0.92 -9.07
N GLY D 293 -32.16 -1.30 -8.58
CA GLY D 293 -31.97 -2.59 -7.97
C GLY D 293 -31.73 -3.72 -8.94
N ARG D 294 -31.88 -3.47 -10.25
CA ARG D 294 -31.61 -4.50 -11.24
C ARG D 294 -30.13 -4.86 -11.29
N LEU D 295 -29.26 -3.90 -11.03
CA LEU D 295 -27.82 -4.10 -11.11
C LEU D 295 -27.27 -4.26 -9.70
N LEU D 296 -26.58 -5.37 -9.45
CA LEU D 296 -25.97 -5.66 -8.16
C LEU D 296 -24.47 -5.56 -8.27
N LEU D 297 -23.85 -4.79 -7.38
CA LEU D 297 -22.41 -4.61 -7.34
C LEU D 297 -21.87 -5.18 -6.04
N ALA D 298 -20.90 -6.08 -6.14
CA ALA D 298 -20.33 -6.74 -4.97
C ALA D 298 -18.81 -6.73 -5.07
N GLY D 299 -18.16 -6.27 -4.00
CA GLY D 299 -16.72 -6.32 -3.95
C GLY D 299 -16.20 -7.73 -3.70
N TYR D 300 -14.93 -7.95 -4.02
CA TYR D 300 -14.31 -9.26 -3.90
C TYR D 300 -12.85 -9.10 -3.50
N ASP D 301 -12.24 -10.21 -3.12
CA ASP D 301 -10.84 -10.24 -2.73
C ASP D 301 -9.89 -10.45 -3.90
N ASP D 302 -10.42 -10.53 -5.12
CA ASP D 302 -9.59 -10.66 -6.31
C ASP D 302 -9.08 -9.32 -6.84
N PHE D 303 -9.03 -8.30 -5.97
CA PHE D 303 -8.55 -6.96 -6.32
C PHE D 303 -9.44 -6.27 -7.34
N ASN D 304 -10.69 -6.72 -7.47
CA ASN D 304 -11.61 -6.14 -8.43
C ASN D 304 -13.04 -6.34 -7.95
N CYS D 305 -13.96 -5.60 -8.54
CA CYS D 305 -15.38 -5.68 -8.23
C CYS D 305 -16.11 -6.41 -9.34
N ASN D 306 -16.92 -7.39 -8.96
CA ASN D 306 -17.77 -8.11 -9.90
C ASN D 306 -19.17 -7.52 -9.87
N VAL D 307 -19.67 -7.15 -11.03
CA VAL D 307 -20.98 -6.55 -11.18
C VAL D 307 -21.94 -7.61 -11.70
N TRP D 308 -23.04 -7.84 -10.98
CA TRP D 308 -23.98 -8.90 -11.28
C TRP D 308 -25.34 -8.35 -11.66
N ASP D 309 -26.09 -9.13 -12.42
CA ASP D 309 -27.49 -8.85 -12.68
C ASP D 309 -28.33 -9.48 -11.58
N ALA D 310 -29.19 -8.67 -10.95
CA ALA D 310 -29.92 -9.13 -9.78
C ALA D 310 -30.88 -10.26 -10.12
N LEU D 311 -31.52 -10.20 -11.28
CA LEU D 311 -32.57 -11.15 -11.61
C LEU D 311 -32.01 -12.50 -12.06
N LYS D 312 -30.98 -12.49 -12.91
CA LYS D 312 -30.51 -13.71 -13.55
C LYS D 312 -29.15 -14.19 -13.06
N ALA D 313 -28.50 -13.44 -12.15
CA ALA D 313 -27.19 -13.80 -11.61
C ALA D 313 -26.14 -13.97 -12.71
N ASP D 314 -26.23 -13.13 -13.74
CA ASP D 314 -25.25 -13.11 -14.81
C ASP D 314 -24.38 -11.87 -14.68
N ARG D 315 -23.07 -12.06 -14.87
CA ARG D 315 -22.14 -10.94 -14.78
C ARG D 315 -22.47 -9.91 -15.85
N ALA D 316 -22.51 -8.64 -15.43
CA ALA D 316 -22.78 -7.54 -16.34
C ALA D 316 -21.60 -6.61 -16.56
N GLY D 317 -20.58 -6.69 -15.72
CA GLY D 317 -19.42 -5.82 -15.86
C GLY D 317 -18.38 -6.15 -14.82
N VAL D 318 -17.20 -5.58 -15.00
CA VAL D 318 -16.08 -5.76 -14.09
C VAL D 318 -15.49 -4.39 -13.81
N LEU D 319 -15.17 -4.13 -12.54
CA LEU D 319 -14.63 -2.86 -12.09
C LEU D 319 -13.18 -3.00 -11.64
N ALA D 320 -12.39 -3.76 -12.41
CA ALA D 320 -10.98 -3.94 -12.09
C ALA D 320 -10.22 -2.62 -12.27
N GLY D 321 -9.12 -2.50 -11.54
CA GLY D 321 -8.33 -1.29 -11.56
C GLY D 321 -7.78 -0.93 -10.19
N HIS D 322 -8.10 -1.75 -9.18
CA HIS D 322 -7.62 -1.53 -7.83
C HIS D 322 -6.38 -2.37 -7.59
N ASP D 323 -5.31 -1.72 -7.13
CA ASP D 323 -4.06 -2.42 -6.89
C ASP D 323 -4.13 -3.35 -5.69
N ASN D 324 -5.07 -3.13 -4.78
CA ASN D 324 -5.23 -3.95 -3.58
C ASN D 324 -6.69 -4.36 -3.46
N ARG D 325 -6.99 -5.10 -2.38
CA ARG D 325 -8.33 -5.65 -2.21
C ARG D 325 -9.33 -4.54 -1.92
N VAL D 326 -10.49 -4.59 -2.58
CA VAL D 326 -11.55 -3.63 -2.35
C VAL D 326 -12.32 -4.03 -1.10
N SER D 327 -12.49 -3.07 -0.19
CA SER D 327 -13.16 -3.32 1.09
C SER D 327 -14.45 -2.55 1.27
N CYS D 328 -14.66 -1.46 0.55
CA CYS D 328 -15.88 -0.67 0.66
C CYS D 328 -16.42 -0.36 -0.73
N LEU D 329 -17.75 -0.27 -0.81
CA LEU D 329 -18.43 0.04 -2.05
C LEU D 329 -19.73 0.74 -1.74
N GLY D 330 -20.03 1.79 -2.50
CA GLY D 330 -21.25 2.55 -2.26
C GLY D 330 -21.85 3.10 -3.54
N VAL D 331 -23.18 3.01 -3.64
CA VAL D 331 -23.94 3.59 -4.75
C VAL D 331 -24.73 4.76 -4.20
N THR D 332 -24.61 5.91 -4.85
CA THR D 332 -25.33 7.09 -4.41
C THR D 332 -26.84 6.91 -4.54
N ASP D 333 -27.58 7.81 -3.90
CA ASP D 333 -29.03 7.63 -3.80
C ASP D 333 -29.70 7.66 -5.17
N ASP D 334 -29.28 8.58 -6.04
CA ASP D 334 -29.85 8.64 -7.38
C ASP D 334 -29.19 7.66 -8.34
N GLY D 335 -28.18 6.93 -7.90
CA GLY D 335 -27.53 5.94 -8.75
C GLY D 335 -26.69 6.51 -9.85
N MET D 336 -26.27 7.77 -9.73
CA MET D 336 -25.49 8.41 -10.79
C MET D 336 -24.15 7.71 -10.97
N ALA D 337 -23.48 7.35 -9.89
CA ALA D 337 -22.18 6.70 -9.97
C ALA D 337 -21.96 5.83 -8.74
N VAL D 338 -21.04 4.89 -8.87
CA VAL D 338 -20.64 4.00 -7.78
C VAL D 338 -19.16 4.23 -7.48
N ALA D 339 -18.83 4.32 -6.19
CA ALA D 339 -17.46 4.55 -5.75
C ALA D 339 -16.97 3.34 -4.98
N THR D 340 -15.82 2.81 -5.38
CA THR D 340 -15.20 1.66 -4.74
C THR D 340 -13.88 2.08 -4.13
N GLY D 341 -13.71 1.81 -2.84
CA GLY D 341 -12.47 2.08 -2.14
C GLY D 341 -11.78 0.77 -1.77
N SER D 342 -10.47 0.71 -2.01
CA SER D 342 -9.69 -0.49 -1.77
C SER D 342 -8.57 -0.20 -0.79
N TRP D 343 -7.69 -1.18 -0.60
CA TRP D 343 -6.59 -1.08 0.37
C TRP D 343 -5.37 -0.35 -0.18
N ASP D 344 -5.38 0.05 -1.45
CA ASP D 344 -4.27 0.82 -2.02
C ASP D 344 -4.45 2.32 -1.79
N SER D 345 -5.28 2.72 -0.82
CA SER D 345 -5.50 4.12 -0.47
C SER D 345 -6.09 4.90 -1.64
N PHE D 346 -6.81 4.22 -2.53
CA PHE D 346 -7.37 4.83 -3.72
C PHE D 346 -8.87 4.60 -3.76
N LEU D 347 -9.61 5.64 -4.16
CA LEU D 347 -11.05 5.54 -4.39
C LEU D 347 -11.32 5.85 -5.86
N LYS D 348 -12.10 4.98 -6.51
CA LYS D 348 -12.41 5.11 -7.93
C LYS D 348 -13.89 5.38 -8.09
N ILE D 349 -14.23 6.37 -8.91
CA ILE D 349 -15.62 6.69 -9.25
C ILE D 349 -15.94 6.02 -10.57
N TRP D 350 -16.93 5.13 -10.56
CA TRP D 350 -17.32 4.37 -11.75
C TRP D 350 -18.70 4.81 -12.21
N ASN D 351 -18.86 4.94 -13.52
CA ASN D 351 -20.13 5.33 -14.11
C ASN D 351 -20.24 4.83 -15.55
N ALA E 12 -32.42 -20.60 27.82
CA ALA E 12 -32.95 -20.75 26.47
C ALA E 12 -34.31 -20.08 26.34
N ARG E 13 -34.72 -19.38 27.41
CA ARG E 13 -36.01 -18.68 27.38
C ARG E 13 -36.02 -17.57 26.34
N LYS E 14 -34.92 -16.82 26.24
CA LYS E 14 -34.85 -15.72 25.28
C LYS E 14 -34.87 -16.24 23.85
N LEU E 15 -34.22 -17.38 23.60
CA LEU E 15 -34.14 -17.91 22.24
C LEU E 15 -35.51 -18.33 21.73
N VAL E 16 -36.31 -19.01 22.56
CA VAL E 16 -37.60 -19.52 22.10
C VAL E 16 -38.59 -18.38 21.86
N GLU E 17 -38.57 -17.36 22.73
CA GLU E 17 -39.52 -16.27 22.58
C GLU E 17 -39.34 -15.53 21.26
N GLN E 18 -38.08 -15.30 20.87
CA GLN E 18 -37.82 -14.66 19.59
C GLN E 18 -38.23 -15.56 18.42
N LEU E 19 -38.11 -16.87 18.58
CA LEU E 19 -38.50 -17.79 17.52
C LEU E 19 -40.01 -17.82 17.33
N LYS E 20 -40.78 -17.68 18.42
CA LYS E 20 -42.23 -17.64 18.30
C LYS E 20 -42.68 -16.43 17.49
N MET E 21 -42.06 -15.27 17.73
CA MET E 21 -42.41 -14.06 16.98
C MET E 21 -42.08 -14.23 15.50
N GLU E 22 -40.91 -14.82 15.20
CA GLU E 22 -40.56 -15.06 13.81
C GLU E 22 -41.47 -16.10 13.16
N ALA E 23 -41.93 -17.08 13.94
CA ALA E 23 -42.83 -18.08 13.39
C ALA E 23 -44.18 -17.48 13.00
N ASN E 24 -44.70 -16.57 13.82
CA ASN E 24 -46.01 -15.97 13.59
C ASN E 24 -45.90 -14.75 12.68
N ILE E 25 -45.47 -15.01 11.43
CA ILE E 25 -45.39 -13.99 10.40
C ILE E 25 -46.04 -14.53 9.13
N ASP E 26 -46.38 -13.60 8.24
CA ASP E 26 -47.01 -13.94 6.97
C ASP E 26 -45.91 -14.12 5.92
N ARG E 27 -45.76 -15.35 5.43
CA ARG E 27 -44.77 -15.68 4.41
C ARG E 27 -45.51 -15.92 3.10
N ILE E 28 -45.38 -14.98 2.16
CA ILE E 28 -46.04 -15.07 0.87
C ILE E 28 -45.25 -16.00 -0.04
N LYS E 29 -45.86 -16.42 -1.14
CA LYS E 29 -45.18 -17.31 -2.07
C LYS E 29 -44.02 -16.60 -2.75
N VAL E 30 -43.02 -17.38 -3.15
CA VAL E 30 -41.84 -16.82 -3.80
C VAL E 30 -42.22 -16.19 -5.14
N SER E 31 -43.15 -16.82 -5.87
CA SER E 31 -43.54 -16.30 -7.17
C SER E 31 -44.14 -14.90 -7.04
N LYS E 32 -45.00 -14.69 -6.04
CA LYS E 32 -45.55 -13.36 -5.82
C LYS E 32 -44.46 -12.39 -5.35
N ALA E 33 -43.55 -12.85 -4.49
CA ALA E 33 -42.46 -12.01 -4.02
C ALA E 33 -41.48 -11.70 -5.15
N ALA E 34 -41.19 -12.70 -5.99
CA ALA E 34 -40.25 -12.48 -7.09
C ALA E 34 -40.80 -11.49 -8.11
N ALA E 35 -42.11 -11.51 -8.35
CA ALA E 35 -42.70 -10.59 -9.31
C ALA E 35 -42.55 -9.14 -8.84
N ASP E 36 -42.71 -8.91 -7.53
CA ASP E 36 -42.55 -7.56 -7.00
C ASP E 36 -41.13 -7.05 -7.18
N LEU E 37 -40.14 -7.92 -6.95
CA LEU E 37 -38.75 -7.52 -7.18
C LEU E 37 -38.49 -7.24 -8.65
N MET E 38 -39.07 -8.05 -9.55
CA MET E 38 -38.90 -7.81 -10.97
C MET E 38 -39.64 -6.57 -11.43
N ALA E 39 -40.82 -6.30 -10.85
CA ALA E 39 -41.60 -5.14 -11.26
C ALA E 39 -40.88 -3.83 -10.92
N TYR E 40 -40.23 -3.77 -9.76
CA TYR E 40 -39.50 -2.57 -9.38
C TYR E 40 -38.34 -2.31 -10.32
N CYS E 41 -37.64 -3.36 -10.74
CA CYS E 41 -36.51 -3.19 -11.65
C CYS E 41 -36.96 -2.64 -12.99
N GLU E 42 -38.07 -3.16 -13.52
CA GLU E 42 -38.57 -2.69 -14.81
C GLU E 42 -39.08 -1.26 -14.71
N ALA E 43 -39.77 -0.92 -13.62
CA ALA E 43 -40.36 0.41 -13.49
C ALA E 43 -39.33 1.49 -13.24
N HIS E 44 -38.14 1.12 -12.77
CA HIS E 44 -37.09 2.10 -12.48
C HIS E 44 -35.86 1.91 -13.36
N ALA E 45 -35.95 1.10 -14.42
CA ALA E 45 -34.81 0.89 -15.29
C ALA E 45 -34.39 2.16 -16.00
N LYS E 46 -35.37 2.96 -16.45
CA LYS E 46 -35.06 4.21 -17.13
C LYS E 46 -34.45 5.25 -16.20
N GLU E 47 -34.63 5.10 -14.89
CA GLU E 47 -34.10 6.04 -13.91
C GLU E 47 -32.79 5.57 -13.30
N ASP E 48 -32.18 4.50 -13.83
CA ASP E 48 -30.94 3.98 -13.30
C ASP E 48 -29.79 4.39 -14.21
N PRO E 49 -28.95 5.34 -13.80
CA PRO E 49 -27.80 5.73 -14.64
C PRO E 49 -26.79 4.62 -14.84
N LEU E 50 -26.78 3.61 -13.96
CA LEU E 50 -25.84 2.50 -14.14
C LEU E 50 -26.34 1.49 -15.17
N LEU E 51 -27.65 1.26 -15.24
CA LEU E 51 -28.19 0.27 -16.17
C LEU E 51 -28.08 0.76 -17.62
N THR E 52 -28.42 2.04 -17.86
CA THR E 52 -28.35 2.63 -19.18
C THR E 52 -27.27 3.71 -19.22
N PRO E 53 -26.46 3.76 -20.29
CA PRO E 53 -25.41 4.78 -20.35
C PRO E 53 -25.96 6.20 -20.28
N VAL E 54 -25.62 6.90 -19.20
CA VAL E 54 -26.10 8.26 -19.01
C VAL E 54 -25.40 9.18 -20.02
N PRO E 55 -26.11 10.17 -20.58
CA PRO E 55 -25.44 11.12 -21.48
C PRO E 55 -24.35 11.90 -20.77
N ALA E 56 -23.31 12.27 -21.53
CA ALA E 56 -22.18 12.98 -20.95
C ALA E 56 -22.60 14.34 -20.40
N SER E 57 -23.50 15.03 -21.11
CA SER E 57 -23.95 16.34 -20.64
C SER E 57 -24.70 16.22 -19.31
N GLU E 58 -25.54 15.20 -19.17
CA GLU E 58 -26.26 15.00 -17.92
C GLU E 58 -25.35 14.46 -16.83
N ASN E 59 -24.36 13.67 -17.19
CA ASN E 59 -23.48 13.05 -16.21
C ASN E 59 -22.54 14.09 -15.60
N PRO E 60 -22.57 14.32 -14.29
CA PRO E 60 -21.62 15.28 -13.70
C PRO E 60 -20.19 14.80 -13.73
N PHE E 61 -19.96 13.48 -13.78
CA PHE E 61 -18.61 12.93 -13.82
C PHE E 61 -18.12 12.82 -15.26
N ARG E 62 -18.02 13.98 -15.91
CA ARG E 62 -17.61 14.08 -17.32
C ARG E 62 -18.48 13.21 -18.22
#